data_8DMA
#
_entry.id   8DMA
#
_cell.length_a   1.00
_cell.length_b   1.00
_cell.length_c   1.00
_cell.angle_alpha   90.00
_cell.angle_beta   90.00
_cell.angle_gamma   90.00
#
_symmetry.space_group_name_H-M   'P 1'
#
loop_
_entity.id
_entity.type
_entity.pdbx_description
1 polymer 'Spike glycoprotein'
2 polymer 'Angiotensin-converting enzyme 2'
3 non-polymer 2-acetamido-2-deoxy-beta-D-glucopyranose
#
loop_
_entity_poly.entity_id
_entity_poly.type
_entity_poly.pdbx_seq_one_letter_code
_entity_poly.pdbx_strand_id
1 'polypeptide(L)'
;MFVFLVLLPLVSSQCVNLTTRTQLPPAYTNSFTRGVYYPDKVFRSSVLHSTQDLFLPFFSNVTWFHVISGTNGTKRFDNP
VLPFNDGVYFASIEKSNIIRGWIFGTTLDSKTQSLLIVNNATNVVIKVCEFQFCNDPFLDHKNNKSWMESEFRVYSSANN
CTFEYVSQPFLMDLEGKQGNFKNLREFVFKNIDGYFKIYSKHTPIIVREPEDLPQGFSALEPLVDLPIGINITRFQTLLA
LHRSYLTPGDSSSGWTAGAAAYYVGYLQPRTFLLKYNENGTITDAVDCALDPLSETKCTLKSFTVEKGIYQTSNFRVQPT
ESIVRFPNITNLCPFDEVFNATRFASVYAWNRKRISNCVADYSVLYNLAPFFTFKCYGVSPTKLNDLCFTNVYADSFVIR
GDEVRQIAPGQTGNIADYNYKLPDDFTGCVIAWNSNKLDSKVSGNYNYLYRLFRKSNLKPFERDISTEIYQAGNKPCNGV
AGFNCYFPLRSYSFRPTYGVGHQPYRVVVLSFELLHAPATVCGPKKSTNLVKNKCVNFNFNGLKGTGVLTESNKKFLPFQ
QFGRDIADTTDAVRDPQTLEILDITPCSFGGVSVITPGTNTSNQVAVLYQGVNCTEVPVAIHADQLTPTWRVYSTGSNVF
QTRAGCLIGAEYVNNSYECDIPIGAGICASYQTQTKSHGSASSVASQSIIAYTMSLGAENSVAYSNNSIAIPTNFTISVT
TEILPVSMTKTSVDCTMYICGDSTECSNLLLQYGSFCTQLKRALTGIAVEQDKNTQEVFAQVKQIYKTPPIKYFGGFNFS
QILPDPSKPSKRSPIEDLLFNKVTLADAGFIKQYGDCLGDIAARDLICAQKFKGLTVLPPLLTDEMIAQYTSALLAGTIT
SGWTFGAGPALQIPFPMQMAYRFNGIGVTQNVLYENQKLIANQFNSAIGKIQDSLSSTPSALGKLQDVVNHNAQALNTLV
KQLSSKFGAISSVLNDIFSRLDPPEAEVQIDRLITGRLQSLQTYVTQQLIRAAEIRASANLAATKMSECVLGQSKRVDFC
GKGYHLMSFPQSAPHGVVFLHVTYVPAQEKNFTTAPAICHDGKAHFPREGVFVSNGTHWFVTQRNFYEPQIITTDNTFVS
GNCDVVIGIVNNTVYDPLQPELDSFKEELDKYFKNHTSPDVDLGDISGINASVVNIQKEIDRLNEVAKNLNESLIDLQEL
GKYEQGSGYIPEAPRDGQAYVRKDGEWVLLSTFLGRSLEVLFQGPGHHHHHHHHSAWSHPQFEKGGGSGGGGSGGSAWSH
PQFEK
;
A
2 'polypeptide(L)'
;MSSSSWLLLSLVAVTTAQSLTEENAKTFLNNFNQEAEDLSYQSSLASWNYNTNITEENAQKMSEAAAKWSAFYEEQSKTA
QSFSLQEIQTPIIKRQLQALQQSGSSALSADKNKQLNTILNTMSTIYSTGKVCNPKNPQECLLLEPGLDEIMATSTDYNS
RLWAWEGWRAEVGKQLRPLYEEYVVLKNEMARANNYNDYGDYWRGDYEAEGADGYNYNRNQLIEDVERTFAEIKPLYEHL
HAYVRRKLMDTYPSYISPTGCLPAHLLGDMWGRFWTNLYPLTVPFAQKPNIDVTDAMMNQGWDAERIFQEAEKFFVSVGL
PHMTQGFWANSMLTEPADGRKVVCHPTAWDLGHGDFRIKMCTKVTMDNFLTAHHEMGHIQYDMAYARQPFLLRNGANEGF
HEAVGEIMSLSAATPKHLKSIGLLPSDFQEDSETEINFLLKQALTIVGTLPFTYMLEKWRWMVFRGEIPKEQWMKKWWEM
KREIVGVVEPLPHDETYCDPASLFHVSNDYSFIRYYTRTIYQFQFQEALCQAAKYNGSLHKCDISNSTEAGQKLLKMLSL
GNSEPWTKALENVVGARNMDVKPLLNYFQPLFDWLKEQNRNSFVGWNTEWSPYADHHHHHH
;
D
#
# COMPACT_ATOMS: atom_id res chain seq x y z
N PRO A 327 15.02 -20.88 -60.91
CA PRO A 327 15.32 -22.20 -60.38
C PRO A 327 14.62 -22.52 -59.06
N ASN A 328 14.30 -23.80 -58.87
CA ASN A 328 13.69 -24.25 -57.62
C ASN A 328 14.70 -24.15 -56.49
N ILE A 329 14.25 -23.68 -55.33
CA ILE A 329 15.15 -23.27 -54.26
C ILE A 329 15.24 -24.34 -53.19
N THR A 330 16.39 -24.41 -52.53
CA THR A 330 16.62 -25.20 -51.34
C THR A 330 17.47 -24.36 -50.39
N ASN A 331 17.98 -25.02 -49.34
CA ASN A 331 19.06 -24.52 -48.49
C ASN A 331 18.70 -23.22 -47.77
N LEU A 332 17.65 -23.28 -46.96
CA LEU A 332 17.22 -22.13 -46.20
C LEU A 332 18.19 -21.85 -45.04
N CYS A 333 18.25 -20.59 -44.64
CA CYS A 333 19.14 -20.17 -43.56
C CYS A 333 18.62 -20.71 -42.23
N PRO A 334 19.51 -21.14 -41.32
CA PRO A 334 19.06 -21.80 -40.07
C PRO A 334 18.50 -20.82 -39.05
N PHE A 335 17.31 -20.30 -39.34
CA PHE A 335 16.59 -19.50 -38.37
C PHE A 335 15.87 -20.35 -37.33
N ASP A 336 15.65 -21.63 -37.61
CA ASP A 336 15.11 -22.53 -36.60
C ASP A 336 16.10 -22.77 -35.47
N GLU A 337 17.40 -22.69 -35.76
CA GLU A 337 18.41 -22.90 -34.73
C GLU A 337 18.50 -21.70 -33.80
N VAL A 338 18.29 -20.49 -34.32
CA VAL A 338 18.41 -19.30 -33.48
C VAL A 338 17.12 -19.04 -32.72
N PHE A 339 15.99 -18.98 -33.44
CA PHE A 339 14.74 -18.56 -32.81
C PHE A 339 14.12 -19.66 -31.95
N ASN A 340 14.19 -20.91 -32.38
CA ASN A 340 13.58 -22.02 -31.64
C ASN A 340 14.58 -22.79 -30.80
N ALA A 341 15.61 -22.10 -30.31
CA ALA A 341 16.59 -22.76 -29.44
C ALA A 341 16.00 -23.02 -28.07
N THR A 342 16.41 -24.15 -27.47
CA THR A 342 15.95 -24.50 -26.14
C THR A 342 16.61 -23.69 -25.05
N ARG A 343 17.78 -23.12 -25.32
CA ARG A 343 18.54 -22.34 -24.35
C ARG A 343 19.02 -21.07 -25.02
N PHE A 344 18.61 -19.92 -24.50
CA PHE A 344 19.17 -18.66 -24.94
C PHE A 344 20.32 -18.27 -24.04
N ALA A 345 20.87 -17.09 -24.25
CA ALA A 345 22.04 -16.62 -23.52
C ALA A 345 21.66 -15.42 -22.66
N SER A 346 22.50 -15.16 -21.67
CA SER A 346 22.36 -13.94 -20.89
C SER A 346 22.76 -12.74 -21.75
N VAL A 347 22.27 -11.56 -21.39
CA VAL A 347 22.51 -10.39 -22.21
C VAL A 347 23.96 -9.90 -22.10
N TYR A 348 24.66 -10.22 -21.01
CA TYR A 348 26.05 -9.82 -20.92
C TYR A 348 26.92 -10.67 -21.84
N ALA A 349 26.68 -11.98 -21.88
CA ALA A 349 27.30 -12.88 -22.84
C ALA A 349 26.33 -13.23 -23.96
N TRP A 350 25.93 -12.22 -24.72
CA TRP A 350 24.93 -12.40 -25.76
C TRP A 350 25.49 -13.23 -26.91
N ASN A 351 24.68 -14.17 -27.39
CA ASN A 351 25.19 -15.13 -28.37
C ASN A 351 25.11 -14.56 -29.77
N ARG A 352 26.17 -14.73 -30.54
CA ARG A 352 26.24 -14.22 -31.90
C ARG A 352 26.46 -15.37 -32.86
N LYS A 353 25.59 -15.47 -33.87
CA LYS A 353 25.74 -16.47 -34.93
C LYS A 353 25.82 -15.76 -36.27
N ARG A 354 26.86 -16.07 -37.04
CA ARG A 354 26.97 -15.52 -38.38
C ARG A 354 26.19 -16.39 -39.36
N ILE A 355 25.63 -15.72 -40.38
CA ILE A 355 24.74 -16.35 -41.34
C ILE A 355 25.20 -15.93 -42.73
N SER A 356 25.51 -16.91 -43.57
CA SER A 356 26.04 -16.68 -44.91
C SER A 356 25.71 -17.90 -45.76
N ASN A 357 25.86 -17.72 -47.09
CA ASN A 357 25.67 -18.69 -48.17
C ASN A 357 24.40 -19.52 -48.04
N CYS A 358 23.29 -18.88 -47.72
CA CYS A 358 21.99 -19.55 -47.69
C CYS A 358 20.93 -18.56 -48.13
N VAL A 359 19.72 -19.08 -48.32
CA VAL A 359 18.56 -18.27 -48.70
C VAL A 359 17.78 -17.97 -47.44
N ALA A 360 17.68 -16.69 -47.09
CA ALA A 360 17.03 -16.26 -45.86
C ALA A 360 15.62 -15.80 -46.19
N ASP A 361 14.63 -16.56 -45.73
CA ASP A 361 13.24 -16.14 -45.83
C ASP A 361 12.78 -15.60 -44.48
N TYR A 362 12.26 -14.39 -44.49
CA TYR A 362 11.85 -13.70 -43.27
C TYR A 362 10.35 -13.71 -43.06
N SER A 363 9.61 -14.39 -43.93
CA SER A 363 8.17 -14.54 -43.73
C SER A 363 7.84 -15.57 -42.66
N VAL A 364 8.81 -16.37 -42.23
CA VAL A 364 8.62 -17.25 -41.09
C VAL A 364 8.39 -16.44 -39.82
N LEU A 365 9.17 -15.38 -39.63
CA LEU A 365 9.12 -14.61 -38.40
C LEU A 365 7.89 -13.72 -38.33
N TYR A 366 7.47 -13.14 -39.46
CA TYR A 366 6.35 -12.23 -39.46
C TYR A 366 5.02 -12.96 -39.31
N ASN A 367 4.94 -14.21 -39.76
CA ASN A 367 3.69 -14.95 -39.76
C ASN A 367 3.38 -15.59 -38.41
N LEU A 368 4.28 -15.51 -37.44
CA LEU A 368 4.02 -16.04 -36.11
C LEU A 368 3.60 -14.91 -35.18
N ALA A 369 2.37 -15.00 -34.68
CA ALA A 369 1.76 -14.07 -33.73
C ALA A 369 2.35 -14.03 -32.32
N PRO A 370 2.95 -15.11 -31.75
CA PRO A 370 3.70 -14.93 -30.51
C PRO A 370 4.89 -13.98 -30.60
N PHE A 371 5.48 -13.76 -31.77
CA PHE A 371 6.57 -12.80 -31.90
C PHE A 371 5.95 -11.41 -31.95
N PHE A 372 5.79 -10.82 -30.75
CA PHE A 372 5.02 -9.58 -30.61
C PHE A 372 5.74 -8.39 -31.22
N THR A 373 7.02 -8.21 -30.90
CA THR A 373 7.76 -7.03 -31.33
C THR A 373 8.63 -7.39 -32.53
N PHE A 374 8.34 -6.78 -33.66
CA PHE A 374 9.10 -6.95 -34.90
C PHE A 374 9.39 -5.56 -35.43
N LYS A 375 10.48 -4.95 -34.98
CA LYS A 375 10.78 -3.57 -35.32
C LYS A 375 12.09 -3.54 -36.11
N CYS A 376 12.05 -2.92 -37.28
CA CYS A 376 13.14 -2.95 -38.24
C CYS A 376 13.66 -1.55 -38.47
N TYR A 377 14.98 -1.42 -38.59
CA TYR A 377 15.62 -0.11 -38.77
C TYR A 377 16.43 -0.12 -40.05
N GLY A 378 16.31 0.96 -40.82
CA GLY A 378 17.07 1.12 -42.05
C GLY A 378 16.52 0.42 -43.26
N VAL A 379 15.88 -0.74 -43.08
CA VAL A 379 15.22 -1.45 -44.16
C VAL A 379 13.77 -1.70 -43.77
N SER A 380 12.92 -1.83 -44.77
CA SER A 380 11.51 -2.08 -44.48
C SER A 380 11.29 -3.56 -44.19
N PRO A 381 10.33 -3.88 -43.31
CA PRO A 381 10.00 -5.31 -43.11
C PRO A 381 9.35 -5.96 -44.30
N THR A 382 8.67 -5.20 -45.16
CA THR A 382 7.97 -5.78 -46.30
C THR A 382 8.94 -6.19 -47.40
N LYS A 383 10.01 -5.43 -47.60
CA LYS A 383 11.02 -5.74 -48.63
C LYS A 383 12.23 -6.44 -48.06
N LEU A 384 12.04 -7.30 -47.05
CA LEU A 384 13.17 -8.06 -46.52
C LEU A 384 13.61 -9.16 -47.49
N ASN A 385 12.68 -9.75 -48.23
CA ASN A 385 13.00 -10.93 -49.03
C ASN A 385 13.68 -10.60 -50.36
N ASP A 386 13.61 -9.36 -50.83
CA ASP A 386 14.17 -9.03 -52.14
C ASP A 386 15.49 -8.27 -52.07
N LEU A 387 15.59 -7.26 -51.21
CA LEU A 387 16.88 -6.63 -50.95
C LEU A 387 17.73 -7.58 -50.13
N CYS A 388 18.98 -7.78 -50.56
CA CYS A 388 19.74 -8.88 -49.99
C CYS A 388 21.19 -8.48 -49.76
N PHE A 389 21.85 -9.26 -48.88
CA PHE A 389 22.99 -8.79 -48.12
C PHE A 389 24.12 -9.80 -48.17
N THR A 390 25.28 -9.38 -47.67
CA THR A 390 26.47 -10.23 -47.65
C THR A 390 26.52 -11.11 -46.40
N ASN A 391 26.44 -10.52 -45.21
CA ASN A 391 26.42 -11.30 -43.98
C ASN A 391 25.25 -10.88 -43.11
N VAL A 392 24.69 -11.85 -42.38
CA VAL A 392 23.61 -11.57 -41.43
C VAL A 392 24.05 -12.09 -40.07
N TYR A 393 24.09 -11.20 -39.09
CA TYR A 393 24.45 -11.57 -37.73
C TYR A 393 23.18 -11.69 -36.90
N ALA A 394 22.98 -12.84 -36.27
CA ALA A 394 21.84 -13.06 -35.39
C ALA A 394 22.35 -13.10 -33.97
N ASP A 395 21.99 -12.09 -33.19
CA ASP A 395 22.38 -11.97 -31.78
C ASP A 395 21.18 -12.32 -30.92
N SER A 396 21.33 -13.35 -30.09
CA SER A 396 20.25 -13.83 -29.25
C SER A 396 20.59 -13.59 -27.79
N PHE A 397 19.63 -13.09 -27.03
CA PHE A 397 19.78 -12.91 -25.59
C PHE A 397 18.40 -12.82 -24.95
N VAL A 398 18.37 -12.72 -23.62
CA VAL A 398 17.14 -12.61 -22.84
C VAL A 398 17.25 -11.38 -21.95
N ILE A 399 16.24 -10.51 -22.03
CA ILE A 399 16.13 -9.36 -21.13
C ILE A 399 14.73 -9.38 -20.53
N ARG A 400 14.38 -8.36 -19.76
CA ARG A 400 13.02 -8.24 -19.29
C ARG A 400 12.22 -7.36 -20.25
N GLY A 401 10.92 -7.23 -19.98
CA GLY A 401 10.01 -6.65 -20.95
C GLY A 401 10.20 -5.16 -21.18
N ASP A 402 10.46 -4.41 -20.11
CA ASP A 402 10.57 -2.97 -20.27
C ASP A 402 11.94 -2.53 -20.78
N GLU A 403 12.89 -3.45 -20.91
CA GLU A 403 14.21 -3.14 -21.45
C GLU A 403 14.35 -3.50 -22.92
N VAL A 404 13.28 -3.98 -23.55
CA VAL A 404 13.29 -4.23 -24.99
C VAL A 404 13.43 -2.93 -25.76
N ARG A 405 12.85 -1.85 -25.25
CA ARG A 405 12.98 -0.52 -25.85
C ARG A 405 14.41 -0.02 -25.85
N GLN A 406 15.28 -0.52 -24.97
CA GLN A 406 16.69 -0.15 -25.00
C GLN A 406 17.45 -0.79 -26.13
N ILE A 407 16.89 -1.82 -26.77
CA ILE A 407 17.55 -2.47 -27.92
C ILE A 407 17.10 -1.70 -29.15
N ALA A 408 17.77 -0.57 -29.38
CA ALA A 408 17.47 0.38 -30.45
C ALA A 408 18.65 1.34 -30.56
N PRO A 409 18.87 1.95 -31.72
CA PRO A 409 19.92 2.97 -31.82
C PRO A 409 19.59 4.22 -31.02
N GLY A 410 20.59 4.76 -30.35
CA GLY A 410 20.43 6.00 -29.64
C GLY A 410 19.79 5.92 -28.27
N GLN A 411 19.69 4.73 -27.69
CA GLN A 411 19.04 4.57 -26.39
C GLN A 411 20.07 4.43 -25.28
N THR A 412 19.62 4.71 -24.06
CA THR A 412 20.44 4.60 -22.87
C THR A 412 19.70 3.77 -21.82
N GLY A 413 20.47 3.24 -20.89
CA GLY A 413 19.94 2.36 -19.87
C GLY A 413 21.05 1.45 -19.38
N ASN A 414 20.67 0.43 -18.62
CA ASN A 414 21.66 -0.54 -18.19
C ASN A 414 22.06 -1.46 -19.33
N ILE A 415 21.07 -1.92 -20.10
CA ILE A 415 21.32 -2.89 -21.17
C ILE A 415 22.06 -2.24 -22.32
N ALA A 416 21.69 -1.01 -22.66
CA ALA A 416 22.34 -0.32 -23.78
C ALA A 416 23.77 0.08 -23.43
N ASP A 417 23.99 0.59 -22.22
CA ASP A 417 25.31 1.07 -21.86
C ASP A 417 26.26 -0.08 -21.51
N TYR A 418 25.76 -1.13 -20.85
CA TYR A 418 26.65 -2.11 -20.25
C TYR A 418 26.52 -3.52 -20.79
N ASN A 419 25.46 -3.83 -21.56
CA ASN A 419 25.25 -5.20 -22.01
C ASN A 419 25.25 -5.36 -23.51
N TYR A 420 24.49 -4.53 -24.23
CA TYR A 420 24.32 -4.71 -25.67
C TYR A 420 24.03 -3.35 -26.28
N LYS A 421 24.94 -2.85 -27.12
CA LYS A 421 24.82 -1.52 -27.72
C LYS A 421 24.67 -1.65 -29.22
N LEU A 422 23.68 -0.96 -29.77
CA LEU A 422 23.57 -0.85 -31.22
C LEU A 422 24.09 0.48 -31.70
N PRO A 423 24.77 0.54 -32.84
CA PRO A 423 25.27 1.82 -33.35
C PRO A 423 24.14 2.68 -33.90
N ASP A 424 24.46 3.95 -34.09
CA ASP A 424 23.45 4.91 -34.55
C ASP A 424 23.07 4.73 -36.00
N ASP A 425 23.84 3.98 -36.78
CA ASP A 425 23.52 3.67 -38.16
C ASP A 425 23.22 2.18 -38.34
N PHE A 426 22.48 1.62 -37.39
CA PHE A 426 22.20 0.19 -37.39
C PHE A 426 21.20 -0.17 -38.48
N THR A 427 21.58 -1.11 -39.33
CA THR A 427 20.73 -1.59 -40.42
C THR A 427 20.34 -3.02 -40.11
N GLY A 428 19.09 -3.22 -39.72
CA GLY A 428 18.63 -4.53 -39.33
C GLY A 428 17.31 -4.44 -38.60
N CYS A 429 16.97 -5.56 -37.96
CA CYS A 429 15.69 -5.69 -37.26
C CYS A 429 15.94 -6.21 -35.84
N VAL A 430 15.05 -5.85 -34.93
CA VAL A 430 15.04 -6.43 -33.59
C VAL A 430 13.72 -7.16 -33.41
N ILE A 431 13.80 -8.37 -32.85
CA ILE A 431 12.64 -9.24 -32.66
C ILE A 431 12.61 -9.66 -31.21
N ALA A 432 11.47 -9.50 -30.55
CA ALA A 432 11.35 -9.86 -29.15
C ALA A 432 10.02 -10.53 -28.90
N TRP A 433 10.02 -11.51 -28.00
CA TRP A 433 8.76 -12.15 -27.63
C TRP A 433 8.83 -12.61 -26.18
N ASN A 434 7.65 -12.71 -25.56
CA ASN A 434 7.54 -13.17 -24.18
C ASN A 434 7.89 -14.66 -24.09
N SER A 435 8.60 -15.02 -23.02
CA SER A 435 9.05 -16.40 -22.85
C SER A 435 8.84 -16.86 -21.40
N ASN A 436 7.63 -16.67 -20.88
CA ASN A 436 7.31 -17.13 -19.53
C ASN A 436 7.34 -18.64 -19.41
N LYS A 437 6.80 -19.35 -20.41
CA LYS A 437 6.70 -20.80 -20.32
C LYS A 437 8.04 -21.49 -20.51
N LEU A 438 9.08 -20.76 -20.92
CA LEU A 438 10.39 -21.34 -21.14
C LEU A 438 11.46 -20.82 -20.19
N ASP A 439 11.30 -19.61 -19.65
CA ASP A 439 12.37 -18.98 -18.89
C ASP A 439 11.97 -18.58 -17.47
N SER A 440 10.72 -18.80 -17.07
CA SER A 440 10.28 -18.45 -15.72
C SER A 440 10.15 -19.71 -14.89
N LYS A 441 10.67 -19.67 -13.67
CA LYS A 441 10.58 -20.77 -12.72
C LYS A 441 9.97 -20.24 -11.43
N VAL A 442 9.18 -21.10 -10.77
CA VAL A 442 8.51 -20.70 -9.53
C VAL A 442 9.54 -20.51 -8.43
N SER A 443 10.56 -21.36 -8.38
CA SER A 443 11.69 -21.15 -7.48
C SER A 443 12.54 -19.95 -7.90
N GLY A 444 12.48 -19.56 -9.17
CA GLY A 444 13.24 -18.43 -9.67
C GLY A 444 14.35 -18.88 -10.60
N ASN A 445 14.37 -18.33 -11.81
CA ASN A 445 15.41 -18.63 -12.78
C ASN A 445 16.59 -17.72 -12.53
N TYR A 446 17.65 -18.26 -11.94
CA TYR A 446 18.83 -17.48 -11.63
C TYR A 446 19.95 -17.71 -12.64
N ASN A 447 19.60 -18.18 -13.83
CA ASN A 447 20.56 -18.48 -14.89
C ASN A 447 20.64 -17.37 -15.94
N TYR A 448 19.86 -16.31 -15.80
CA TYR A 448 19.93 -15.17 -16.70
C TYR A 448 20.51 -13.99 -15.94
N LEU A 449 21.59 -13.43 -16.45
CA LEU A 449 22.36 -12.40 -15.76
C LEU A 449 22.43 -11.16 -16.63
N TYR A 450 22.77 -10.03 -16.00
CA TYR A 450 22.99 -8.79 -16.73
C TYR A 450 24.03 -7.98 -16.00
N ARG A 451 24.70 -7.10 -16.73
CA ARG A 451 25.75 -6.28 -16.15
C ARG A 451 25.13 -4.97 -15.69
N LEU A 452 25.29 -4.68 -14.40
CA LEU A 452 24.75 -3.46 -13.81
C LEU A 452 25.80 -2.39 -13.62
N PHE A 453 27.06 -2.77 -13.41
CA PHE A 453 28.14 -1.83 -13.15
C PHE A 453 29.26 -2.04 -14.15
N ARG A 454 29.73 -0.95 -14.75
CA ARG A 454 30.86 -0.98 -15.65
C ARG A 454 31.47 0.42 -15.63
N LYS A 455 32.81 0.48 -15.79
CA LYS A 455 33.53 1.75 -15.70
C LYS A 455 33.13 2.70 -16.83
N SER A 456 33.02 2.18 -18.04
CA SER A 456 32.70 3.00 -19.20
C SER A 456 31.61 2.32 -20.02
N ASN A 457 30.97 3.08 -20.89
CA ASN A 457 29.92 2.53 -21.71
C ASN A 457 30.48 1.59 -22.77
N LEU A 458 29.64 0.67 -23.22
CA LEU A 458 30.07 -0.28 -24.25
C LEU A 458 30.12 0.38 -25.61
N LYS A 459 31.11 0.00 -26.41
CA LYS A 459 31.10 0.29 -27.82
C LYS A 459 30.05 -0.58 -28.50
N PRO A 460 29.56 -0.16 -29.68
CA PRO A 460 28.58 -0.99 -30.39
C PRO A 460 29.13 -2.36 -30.78
N PHE A 461 28.28 -3.38 -30.61
CA PHE A 461 28.56 -4.79 -30.90
C PHE A 461 29.78 -5.30 -30.13
N GLU A 462 29.92 -4.85 -28.89
CA GLU A 462 30.95 -5.30 -27.98
C GLU A 462 30.32 -6.11 -26.86
N ARG A 463 31.04 -7.12 -26.38
CA ARG A 463 30.61 -7.90 -25.24
C ARG A 463 31.60 -7.74 -24.11
N ASP A 464 31.12 -7.94 -22.88
CA ASP A 464 31.98 -7.96 -21.70
C ASP A 464 31.55 -9.13 -20.83
N ILE A 465 32.36 -10.18 -20.80
CA ILE A 465 32.10 -11.34 -19.98
C ILE A 465 33.00 -11.36 -18.74
N SER A 466 33.62 -10.22 -18.41
CA SER A 466 34.52 -10.16 -17.27
C SER A 466 33.73 -10.15 -15.97
N THR A 467 34.26 -10.86 -14.97
CA THR A 467 33.65 -10.95 -13.65
C THR A 467 34.47 -10.21 -12.60
N GLU A 468 35.20 -9.19 -13.03
CA GLU A 468 36.01 -8.40 -12.10
C GLU A 468 35.11 -7.55 -11.21
N ILE A 469 35.47 -7.48 -9.93
CA ILE A 469 34.68 -6.72 -8.95
C ILE A 469 34.77 -5.24 -9.26
N TYR A 470 33.60 -4.59 -9.34
CA TYR A 470 33.54 -3.19 -9.72
C TYR A 470 34.04 -2.32 -8.57
N GLN A 471 35.10 -1.56 -8.83
CA GLN A 471 35.73 -0.72 -7.81
C GLN A 471 35.14 0.68 -7.94
N ALA A 472 34.16 1.00 -7.10
CA ALA A 472 33.45 2.26 -7.21
C ALA A 472 34.07 3.37 -6.38
N GLY A 473 34.95 3.06 -5.44
CA GLY A 473 35.49 4.07 -4.55
C GLY A 473 36.96 4.32 -4.73
N ASN A 474 37.68 4.51 -3.62
CA ASN A 474 39.11 4.72 -3.64
C ASN A 474 39.92 3.54 -3.12
N LYS A 475 39.35 2.76 -2.22
CA LYS A 475 40.06 1.58 -1.72
C LYS A 475 40.08 0.48 -2.79
N PRO A 476 41.17 -0.28 -2.87
CA PRO A 476 41.20 -1.40 -3.82
C PRO A 476 40.29 -2.52 -3.36
N CYS A 477 39.63 -3.16 -4.32
CA CYS A 477 38.69 -4.23 -3.97
C CYS A 477 39.42 -5.49 -3.54
N ASN A 478 40.50 -5.82 -4.25
CA ASN A 478 41.32 -7.04 -4.04
C ASN A 478 40.47 -8.31 -4.16
N GLY A 479 39.50 -8.30 -5.06
CA GLY A 479 38.75 -9.49 -5.40
C GLY A 479 37.65 -9.87 -4.43
N VAL A 480 37.44 -9.11 -3.37
CA VAL A 480 36.46 -9.43 -2.34
C VAL A 480 35.37 -8.36 -2.39
N ALA A 481 34.12 -8.79 -2.43
CA ALA A 481 32.99 -7.88 -2.48
C ALA A 481 32.75 -7.26 -1.10
N GLY A 482 31.80 -6.32 -1.05
CA GLY A 482 31.48 -5.64 0.18
C GLY A 482 30.96 -4.24 -0.05
N PHE A 483 31.49 -3.27 0.70
CA PHE A 483 31.10 -1.89 0.52
C PHE A 483 32.01 -1.24 -0.51
N ASN A 484 31.39 -0.53 -1.47
CA ASN A 484 32.06 0.09 -2.63
C ASN A 484 32.81 -0.94 -3.48
N CYS A 485 32.36 -2.19 -3.46
CA CYS A 485 32.99 -3.27 -4.22
C CYS A 485 31.87 -4.26 -4.52
N TYR A 486 31.32 -4.19 -5.73
CA TYR A 486 30.15 -4.97 -6.09
C TYR A 486 30.49 -5.95 -7.20
N PHE A 487 29.90 -7.13 -7.14
CA PHE A 487 29.97 -8.07 -8.24
C PHE A 487 29.11 -7.53 -9.38
N PRO A 488 29.65 -7.36 -10.58
CA PRO A 488 28.92 -6.60 -11.61
C PRO A 488 27.77 -7.35 -12.26
N LEU A 489 27.79 -8.67 -12.25
CA LEU A 489 26.76 -9.46 -12.92
C LEU A 489 25.66 -9.79 -11.93
N ARG A 490 24.47 -9.27 -12.17
CA ARG A 490 23.35 -9.43 -11.27
C ARG A 490 22.27 -10.24 -11.97
N SER A 491 21.53 -11.03 -11.21
CA SER A 491 20.69 -12.07 -11.78
C SER A 491 19.29 -11.56 -12.10
N TYR A 492 18.77 -11.99 -13.26
CA TYR A 492 17.38 -11.78 -13.65
C TYR A 492 16.55 -12.90 -13.05
N SER A 493 16.18 -12.76 -11.78
CA SER A 493 15.51 -13.84 -11.07
C SER A 493 14.07 -13.95 -11.54
N PHE A 494 13.89 -14.58 -12.69
CA PHE A 494 12.58 -14.64 -13.35
C PHE A 494 11.65 -15.59 -12.62
N ARG A 495 10.42 -15.14 -12.37
CA ARG A 495 9.36 -15.94 -11.79
C ARG A 495 8.09 -15.70 -12.58
N PRO A 496 7.21 -16.71 -12.69
CA PRO A 496 6.06 -16.58 -13.60
C PRO A 496 4.99 -15.61 -13.13
N THR A 497 5.02 -15.18 -11.88
CA THR A 497 4.00 -14.29 -11.33
C THR A 497 4.42 -12.84 -11.40
N TYR A 498 5.48 -12.52 -12.13
CA TYR A 498 5.94 -11.14 -12.26
C TYR A 498 4.99 -10.35 -13.14
N GLY A 499 5.07 -9.03 -13.02
CA GLY A 499 4.35 -8.17 -13.93
C GLY A 499 5.01 -8.14 -15.30
N VAL A 500 4.22 -7.71 -16.30
CA VAL A 500 4.54 -7.91 -17.72
C VAL A 500 5.82 -7.19 -18.12
N GLY A 501 6.17 -6.10 -17.45
CA GLY A 501 7.42 -5.44 -17.73
C GLY A 501 8.64 -6.14 -17.19
N HIS A 502 8.47 -7.14 -16.34
CA HIS A 502 9.58 -7.87 -15.74
C HIS A 502 9.63 -9.33 -16.16
N GLN A 503 8.67 -9.80 -16.95
CA GLN A 503 8.68 -11.16 -17.45
C GLN A 503 9.79 -11.30 -18.50
N PRO A 504 10.35 -12.50 -18.66
CA PRO A 504 11.47 -12.67 -19.60
C PRO A 504 11.04 -12.54 -21.05
N TYR A 505 11.80 -11.76 -21.81
CA TYR A 505 11.62 -11.55 -23.23
C TYR A 505 12.86 -12.01 -23.95
N ARG A 506 12.69 -12.89 -24.92
CA ARG A 506 13.79 -13.33 -25.77
C ARG A 506 13.90 -12.40 -26.96
N VAL A 507 15.11 -11.91 -27.21
CA VAL A 507 15.39 -10.93 -28.25
C VAL A 507 16.42 -11.51 -29.20
N VAL A 508 16.13 -11.43 -30.50
CA VAL A 508 17.06 -11.75 -31.57
C VAL A 508 17.22 -10.48 -32.41
N VAL A 509 18.46 -10.04 -32.55
CA VAL A 509 18.80 -8.86 -33.34
C VAL A 509 19.45 -9.36 -34.62
N LEU A 510 18.82 -9.07 -35.76
CA LEU A 510 19.37 -9.39 -37.06
C LEU A 510 20.05 -8.15 -37.61
N SER A 511 21.36 -8.23 -37.80
CA SER A 511 22.15 -7.14 -38.36
C SER A 511 22.62 -7.54 -39.74
N PHE A 512 22.27 -6.75 -40.75
CA PHE A 512 22.62 -7.04 -42.13
C PHE A 512 23.79 -6.17 -42.55
N GLU A 513 24.79 -6.77 -43.19
CA GLU A 513 25.90 -6.00 -43.70
C GLU A 513 26.23 -6.40 -45.13
N LEU A 514 26.66 -5.39 -45.89
CA LEU A 514 27.19 -5.54 -47.24
C LEU A 514 28.67 -5.20 -47.22
N LEU A 515 29.47 -6.03 -47.88
CA LEU A 515 30.91 -5.79 -47.93
C LEU A 515 31.39 -5.80 -49.37
N HIS A 516 32.72 -5.82 -49.57
CA HIS A 516 33.26 -5.98 -50.91
C HIS A 516 33.11 -7.41 -51.43
N ALA A 517 32.81 -8.37 -50.56
CA ALA A 517 32.54 -9.74 -50.96
C ALA A 517 31.23 -9.81 -51.74
N PRO A 518 31.07 -10.84 -52.58
CA PRO A 518 29.77 -11.06 -53.22
C PRO A 518 28.69 -11.38 -52.19
N ALA A 519 27.56 -10.70 -52.32
CA ALA A 519 26.45 -10.87 -51.40
C ALA A 519 25.79 -12.22 -51.62
N THR A 520 25.82 -13.08 -50.61
CA THR A 520 25.40 -14.47 -50.75
C THR A 520 24.23 -14.85 -49.84
N VAL A 521 23.61 -13.89 -49.16
CA VAL A 521 22.39 -14.18 -48.41
C VAL A 521 21.22 -13.51 -49.12
N CYS A 522 20.54 -14.24 -50.00
CA CYS A 522 19.46 -13.63 -50.77
C CYS A 522 18.21 -14.49 -50.79
N GLY A 523 17.06 -13.83 -50.71
CA GLY A 523 15.80 -14.48 -50.52
C GLY A 523 15.25 -15.06 -51.81
N PRO A 524 14.07 -15.67 -51.70
CA PRO A 524 13.52 -16.44 -52.82
C PRO A 524 12.95 -15.57 -53.92
N LYS A 525 12.78 -16.19 -55.08
CA LYS A 525 12.13 -15.57 -56.24
C LYS A 525 11.03 -16.48 -56.73
N LYS A 526 10.27 -16.00 -57.72
CA LYS A 526 9.12 -16.73 -58.25
C LYS A 526 9.40 -17.15 -59.69
N SER A 527 8.38 -17.72 -60.32
CA SER A 527 8.50 -18.15 -61.71
C SER A 527 7.49 -17.44 -62.60
N LEU B 20 33.47 10.28 -5.63
CA LEU B 20 32.80 11.25 -4.79
C LEU B 20 31.68 10.54 -4.04
N THR B 21 31.26 11.10 -2.91
CA THR B 21 30.37 10.40 -1.98
C THR B 21 28.98 10.20 -2.58
N GLU B 22 28.48 11.19 -3.32
CA GLU B 22 27.14 11.10 -3.90
C GLU B 22 27.07 10.04 -5.00
N GLU B 23 28.11 9.95 -5.83
CA GLU B 23 28.14 8.89 -6.84
C GLU B 23 28.31 7.52 -6.22
N ASN B 24 29.06 7.44 -5.12
CA ASN B 24 29.16 6.19 -4.36
C ASN B 24 27.80 5.80 -3.79
N ALA B 25 27.02 6.78 -3.33
CA ALA B 25 25.69 6.49 -2.81
C ALA B 25 24.75 6.06 -3.93
N LYS B 26 24.90 6.64 -5.12
CA LYS B 26 24.09 6.24 -6.28
C LYS B 26 24.39 4.80 -6.68
N THR B 27 25.65 4.42 -6.74
CA THR B 27 25.99 3.04 -7.06
C THR B 27 25.60 2.08 -5.93
N PHE B 28 25.68 2.54 -4.68
CA PHE B 28 25.24 1.73 -3.55
C PHE B 28 23.73 1.47 -3.60
N LEU B 29 22.95 2.49 -3.96
CA LEU B 29 21.52 2.30 -4.09
C LEU B 29 21.17 1.43 -5.29
N ASN B 30 21.94 1.55 -6.38
CA ASN B 30 21.74 0.69 -7.54
C ASN B 30 22.03 -0.78 -7.21
N ASN B 31 23.07 -1.03 -6.43
CA ASN B 31 23.36 -2.39 -5.99
C ASN B 31 22.30 -2.88 -5.00
N PHE B 32 21.82 -1.99 -4.14
CA PHE B 32 20.88 -2.38 -3.10
C PHE B 32 19.51 -2.71 -3.67
N ASN B 33 19.08 -2.00 -4.72
CA ASN B 33 17.69 -2.06 -5.16
C ASN B 33 17.34 -3.43 -5.74
N GLN B 34 18.26 -4.05 -6.46
CA GLN B 34 17.99 -5.32 -7.13
C GLN B 34 17.86 -6.47 -6.14
N GLU B 35 18.74 -6.53 -5.14
CA GLU B 35 18.66 -7.57 -4.12
C GLU B 35 17.53 -7.30 -3.15
N ALA B 36 17.26 -6.02 -2.86
CA ALA B 36 16.12 -5.69 -2.02
C ALA B 36 14.81 -6.08 -2.69
N GLU B 37 14.69 -5.84 -3.99
CA GLU B 37 13.49 -6.22 -4.72
C GLU B 37 13.33 -7.74 -4.77
N ASP B 38 14.43 -8.47 -4.98
CA ASP B 38 14.34 -9.93 -5.04
C ASP B 38 13.97 -10.53 -3.69
N LEU B 39 14.64 -10.09 -2.61
CA LEU B 39 14.35 -10.64 -1.29
C LEU B 39 13.00 -10.18 -0.76
N SER B 40 12.60 -8.94 -1.07
CA SER B 40 11.29 -8.47 -0.68
C SER B 40 10.19 -9.20 -1.42
N TYR B 41 10.42 -9.55 -2.69
CA TYR B 41 9.44 -10.36 -3.42
C TYR B 41 9.34 -11.76 -2.83
N GLN B 42 10.47 -12.35 -2.45
CA GLN B 42 10.43 -13.68 -1.83
C GLN B 42 9.70 -13.65 -0.50
N SER B 43 9.94 -12.62 0.32
CA SER B 43 9.26 -12.47 1.60
C SER B 43 7.76 -12.23 1.41
N SER B 44 7.38 -11.37 0.45
CA SER B 44 5.98 -11.09 0.22
C SER B 44 5.25 -12.27 -0.38
N LEU B 45 5.91 -13.05 -1.25
CA LEU B 45 5.29 -14.24 -1.80
C LEU B 45 5.11 -15.32 -0.74
N ALA B 46 6.07 -15.47 0.16
CA ALA B 46 5.91 -16.43 1.25
C ALA B 46 4.82 -16.00 2.22
N SER B 47 4.71 -14.69 2.47
CA SER B 47 3.63 -14.19 3.33
C SER B 47 2.27 -14.35 2.67
N TRP B 48 2.20 -14.17 1.35
CA TRP B 48 0.96 -14.44 0.61
C TRP B 48 0.61 -15.91 0.67
N ASN B 49 1.59 -16.79 0.52
CA ASN B 49 1.32 -18.23 0.53
C ASN B 49 0.94 -18.71 1.92
N TYR B 50 1.41 -18.04 2.97
CA TYR B 50 0.88 -18.35 4.29
C TYR B 50 -0.53 -17.81 4.49
N ASN B 51 -0.79 -16.58 4.03
CA ASN B 51 -2.05 -15.91 4.34
C ASN B 51 -3.23 -16.52 3.59
N THR B 52 -2.99 -17.11 2.41
CA THR B 52 -4.05 -17.78 1.66
C THR B 52 -4.02 -19.29 1.82
N ASN B 53 -3.05 -19.82 2.55
CA ASN B 53 -2.89 -21.26 2.76
C ASN B 53 -2.18 -21.44 4.10
N ILE B 54 -2.94 -21.59 5.16
CA ILE B 54 -2.38 -21.61 6.51
C ILE B 54 -2.00 -23.04 6.85
N THR B 55 -0.70 -23.27 7.03
CA THR B 55 -0.17 -24.54 7.51
C THR B 55 1.18 -24.25 8.16
N GLU B 56 1.80 -25.29 8.70
CA GLU B 56 3.06 -25.11 9.43
C GLU B 56 4.22 -24.87 8.48
N GLU B 57 4.23 -25.53 7.31
CA GLU B 57 5.35 -25.36 6.38
C GLU B 57 5.30 -24.00 5.71
N ASN B 58 4.12 -23.47 5.42
CA ASN B 58 4.01 -22.11 4.91
C ASN B 58 4.40 -21.09 5.96
N ALA B 59 4.07 -21.37 7.23
CA ALA B 59 4.45 -20.48 8.32
C ALA B 59 5.97 -20.43 8.49
N GLN B 60 6.63 -21.59 8.44
CA GLN B 60 8.08 -21.57 8.61
C GLN B 60 8.79 -21.03 7.37
N LYS B 61 8.22 -21.25 6.17
CA LYS B 61 8.77 -20.66 4.96
C LYS B 61 8.68 -19.13 5.00
N MET B 62 7.54 -18.62 5.46
CA MET B 62 7.38 -17.18 5.71
C MET B 62 8.38 -16.69 6.73
N SER B 63 8.65 -17.50 7.76
CA SER B 63 9.61 -17.12 8.78
C SER B 63 11.03 -16.99 8.22
N GLU B 64 11.48 -17.97 7.42
CA GLU B 64 12.83 -17.83 6.88
C GLU B 64 12.93 -16.75 5.82
N ALA B 65 11.87 -16.54 5.02
CA ALA B 65 11.91 -15.49 4.01
C ALA B 65 11.97 -14.11 4.65
N ALA B 66 11.13 -13.88 5.67
CA ALA B 66 11.18 -12.61 6.40
C ALA B 66 12.48 -12.45 7.17
N ALA B 67 13.07 -13.56 7.66
CA ALA B 67 14.33 -13.49 8.36
C ALA B 67 15.46 -13.07 7.43
N LYS B 68 15.52 -13.66 6.23
CA LYS B 68 16.55 -13.31 5.27
C LYS B 68 16.39 -11.88 4.78
N TRP B 69 15.15 -11.45 4.52
CA TRP B 69 14.93 -10.08 4.05
C TRP B 69 15.25 -9.06 5.13
N SER B 70 14.88 -9.34 6.39
CA SER B 70 15.19 -8.43 7.48
C SER B 70 16.68 -8.37 7.77
N ALA B 71 17.36 -9.53 7.71
CA ALA B 71 18.81 -9.56 7.94
C ALA B 71 19.55 -8.80 6.85
N PHE B 72 19.12 -8.94 5.60
CA PHE B 72 19.72 -8.18 4.51
C PHE B 72 19.45 -6.69 4.67
N TYR B 73 18.24 -6.32 5.10
CA TYR B 73 17.91 -4.90 5.26
C TYR B 73 18.73 -4.25 6.37
N GLU B 74 18.91 -4.94 7.50
CA GLU B 74 19.73 -4.36 8.56
C GLU B 74 21.21 -4.36 8.18
N GLU B 75 21.67 -5.37 7.44
CA GLU B 75 23.05 -5.39 6.97
C GLU B 75 23.33 -4.23 6.02
N GLN B 76 22.37 -3.90 5.15
CA GLN B 76 22.56 -2.75 4.27
C GLN B 76 22.36 -1.43 5.01
N SER B 77 21.53 -1.41 6.06
CA SER B 77 21.33 -0.16 6.79
C SER B 77 22.54 0.22 7.63
N LYS B 78 23.26 -0.77 8.17
CA LYS B 78 24.52 -0.48 8.86
C LYS B 78 25.54 0.14 7.93
N THR B 79 25.61 -0.34 6.68
CA THR B 79 26.50 0.28 5.70
C THR B 79 26.00 1.64 5.24
N ALA B 80 24.67 1.81 5.16
CA ALA B 80 24.09 3.08 4.74
C ALA B 80 24.27 4.17 5.77
N GLN B 81 24.42 3.81 7.05
CA GLN B 81 24.69 4.82 8.07
C GLN B 81 26.10 5.41 7.95
N SER B 82 26.99 4.81 7.18
CA SER B 82 28.33 5.37 7.00
C SER B 82 28.33 6.60 6.11
N PHE B 83 27.33 6.74 5.22
CA PHE B 83 27.24 7.92 4.39
C PHE B 83 26.87 9.15 5.22
N SER B 84 27.49 10.28 4.90
CA SER B 84 27.18 11.54 5.55
C SER B 84 26.30 12.36 4.61
N LEU B 85 25.14 12.78 5.12
CA LEU B 85 24.14 13.45 4.29
C LEU B 85 24.44 14.92 4.04
N GLN B 86 25.48 15.47 4.65
CA GLN B 86 25.79 16.88 4.47
C GLN B 86 26.38 17.20 3.12
N GLU B 87 26.84 16.19 2.36
CA GLU B 87 27.42 16.41 1.05
C GLU B 87 26.62 15.74 -0.06
N ILE B 88 25.34 15.48 0.16
CA ILE B 88 24.45 14.92 -0.85
C ILE B 88 23.48 16.02 -1.27
N GLN B 89 23.51 16.37 -2.55
CA GLN B 89 22.74 17.50 -3.07
C GLN B 89 21.42 17.10 -3.69
N THR B 90 21.37 16.02 -4.46
CA THR B 90 20.13 15.62 -5.13
C THR B 90 19.17 15.04 -4.11
N PRO B 91 17.95 15.58 -3.97
CA PRO B 91 17.09 15.18 -2.86
C PRO B 91 16.47 13.81 -3.00
N ILE B 92 16.44 13.21 -4.18
CA ILE B 92 15.87 11.87 -4.31
C ILE B 92 16.82 10.82 -3.74
N ILE B 93 18.13 10.95 -4.01
CA ILE B 93 19.12 10.07 -3.41
C ILE B 93 19.19 10.30 -1.90
N LYS B 94 19.08 11.56 -1.47
CA LYS B 94 19.08 11.87 -0.05
C LYS B 94 17.86 11.29 0.66
N ARG B 95 16.70 11.31 0.00
CA ARG B 95 15.50 10.74 0.60
C ARG B 95 15.58 9.21 0.64
N GLN B 96 16.17 8.60 -0.39
CA GLN B 96 16.39 7.15 -0.37
C GLN B 96 17.34 6.75 0.76
N LEU B 97 18.39 7.53 0.97
CA LEU B 97 19.32 7.21 2.05
C LEU B 97 18.72 7.51 3.41
N GLN B 98 17.81 8.48 3.49
CA GLN B 98 17.07 8.70 4.73
C GLN B 98 16.16 7.52 5.04
N ALA B 99 15.49 6.98 4.02
CA ALA B 99 14.63 5.82 4.21
C ALA B 99 15.43 4.59 4.59
N LEU B 100 16.63 4.43 4.03
CA LEU B 100 17.45 3.27 4.33
C LEU B 100 18.12 3.36 5.70
N GLN B 101 18.39 4.57 6.19
CA GLN B 101 19.13 4.72 7.44
C GLN B 101 18.26 4.59 8.68
N GLN B 102 16.97 4.37 8.52
CA GLN B 102 16.08 4.13 9.66
C GLN B 102 16.35 2.74 10.21
N SER B 103 17.15 2.67 11.28
CA SER B 103 17.52 1.38 11.86
C SER B 103 16.34 0.74 12.58
N GLY B 104 15.51 1.54 13.23
CA GLY B 104 14.34 1.00 13.91
C GLY B 104 14.71 0.38 15.24
N SER B 105 14.22 -0.82 15.49
CA SER B 105 14.43 -1.49 16.77
C SER B 105 15.80 -2.11 16.90
N SER B 106 16.61 -2.10 15.85
CA SER B 106 17.95 -2.67 15.89
C SER B 106 18.97 -1.75 16.55
N ALA B 107 18.59 -0.53 16.92
CA ALA B 107 19.52 0.40 17.55
C ALA B 107 19.88 0.01 18.97
N LEU B 108 19.07 -0.81 19.63
CA LEU B 108 19.43 -1.31 20.94
C LEU B 108 20.42 -2.46 20.83
N SER B 109 20.93 -2.89 21.99
CA SER B 109 21.71 -4.10 22.06
C SER B 109 20.81 -5.32 21.91
N ALA B 110 21.43 -6.48 21.74
CA ALA B 110 20.70 -7.72 21.49
C ALA B 110 19.85 -8.14 22.69
N ASP B 111 20.34 -7.88 23.91
CA ASP B 111 19.59 -8.24 25.10
C ASP B 111 18.31 -7.42 25.24
N LYS B 112 18.42 -6.10 25.07
CA LYS B 112 17.26 -5.23 25.19
C LYS B 112 16.28 -5.46 24.04
N ASN B 113 16.80 -5.70 22.84
CA ASN B 113 15.93 -6.00 21.70
C ASN B 113 15.20 -7.32 21.88
N LYS B 114 15.89 -8.33 22.42
CA LYS B 114 15.24 -9.60 22.70
C LYS B 114 14.19 -9.48 23.80
N GLN B 115 14.47 -8.66 24.83
CA GLN B 115 13.49 -8.41 25.88
C GLN B 115 12.27 -7.68 25.34
N LEU B 116 12.48 -6.69 24.48
CA LEU B 116 11.37 -5.96 23.87
C LEU B 116 10.55 -6.86 22.96
N ASN B 117 11.21 -7.73 22.20
CA ASN B 117 10.49 -8.67 21.35
C ASN B 117 9.72 -9.68 22.17
N THR B 118 10.26 -10.10 23.33
CA THR B 118 9.54 -10.98 24.23
C THR B 118 8.29 -10.31 24.78
N ILE B 119 8.40 -9.03 25.16
CA ILE B 119 7.26 -8.28 25.67
C ILE B 119 6.20 -8.10 24.58
N LEU B 120 6.63 -7.78 23.36
CA LEU B 120 5.70 -7.62 22.25
C LEU B 120 4.99 -8.93 21.90
N ASN B 121 5.74 -10.04 21.88
CA ASN B 121 5.14 -11.34 21.56
C ASN B 121 4.18 -11.80 22.66
N THR B 122 4.53 -11.57 23.93
CA THR B 122 3.59 -11.97 24.97
C THR B 122 2.38 -11.06 25.03
N MET B 123 2.52 -9.78 24.65
CA MET B 123 1.36 -8.89 24.49
C MET B 123 0.44 -9.38 23.37
N SER B 124 1.02 -9.77 22.24
CA SER B 124 0.22 -10.25 21.11
C SER B 124 -0.51 -11.54 21.45
N THR B 125 0.18 -12.48 22.12
CA THR B 125 -0.48 -13.74 22.44
C THR B 125 -1.38 -13.64 23.65
N ILE B 126 -1.32 -12.56 24.44
CA ILE B 126 -2.28 -12.39 25.52
C ILE B 126 -3.46 -11.53 25.07
N TYR B 127 -3.30 -10.75 24.00
CA TYR B 127 -4.46 -10.07 23.41
C TYR B 127 -5.26 -11.02 22.53
N SER B 128 -4.57 -11.90 21.79
CA SER B 128 -5.27 -12.86 20.95
C SER B 128 -5.93 -13.96 21.77
N THR B 129 -5.50 -14.16 23.02
CA THR B 129 -6.10 -15.14 23.91
C THR B 129 -6.73 -14.47 25.13
N GLY B 130 -7.22 -13.25 24.96
CA GLY B 130 -7.89 -12.57 26.06
C GLY B 130 -9.20 -13.26 26.41
N LYS B 131 -9.53 -13.27 27.70
CA LYS B 131 -10.54 -14.17 28.20
C LYS B 131 -11.26 -13.54 29.38
N VAL B 132 -12.57 -13.32 29.22
CA VAL B 132 -13.45 -12.92 30.32
C VAL B 132 -14.63 -13.88 30.32
N CYS B 133 -14.99 -14.38 31.49
CA CYS B 133 -15.96 -15.46 31.57
C CYS B 133 -17.10 -15.09 32.52
N ASN B 134 -18.24 -15.72 32.29
CA ASN B 134 -19.51 -15.31 32.91
C ASN B 134 -19.49 -15.63 34.41
N PRO B 135 -19.74 -14.66 35.29
CA PRO B 135 -19.82 -14.97 36.73
C PRO B 135 -21.08 -15.76 37.04
N LYS B 136 -20.91 -16.79 37.88
CA LYS B 136 -21.87 -17.82 38.29
C LYS B 136 -22.20 -18.80 37.15
N ASN B 137 -21.69 -18.56 35.94
CA ASN B 137 -21.85 -19.46 34.80
C ASN B 137 -20.44 -19.74 34.27
N PRO B 138 -19.70 -20.64 34.94
CA PRO B 138 -18.28 -20.84 34.55
C PRO B 138 -18.10 -21.54 33.21
N GLN B 139 -19.13 -22.14 32.65
CA GLN B 139 -19.00 -22.76 31.33
C GLN B 139 -19.12 -21.75 30.20
N GLU B 140 -19.67 -20.56 30.47
CA GLU B 140 -19.93 -19.57 29.43
C GLU B 140 -18.80 -18.55 29.38
N CYS B 141 -17.64 -19.03 28.93
CA CYS B 141 -16.44 -18.21 28.82
C CYS B 141 -16.33 -17.71 27.38
N LEU B 142 -16.15 -16.40 27.21
CA LEU B 142 -16.24 -15.77 25.90
C LEU B 142 -14.92 -15.10 25.54
N LEU B 143 -14.47 -15.33 24.30
CA LEU B 143 -13.38 -14.59 23.71
C LEU B 143 -13.91 -13.30 23.08
N LEU B 144 -12.99 -12.36 22.82
CA LEU B 144 -13.42 -11.09 22.23
C LEU B 144 -13.79 -11.24 20.76
N GLU B 145 -12.93 -11.92 19.98
CA GLU B 145 -13.10 -11.91 18.52
C GLU B 145 -14.35 -12.63 18.03
N PRO B 146 -14.72 -13.87 18.50
CA PRO B 146 -15.99 -14.43 18.03
C PRO B 146 -17.23 -13.91 18.74
N GLY B 147 -17.17 -13.73 20.07
CA GLY B 147 -18.42 -13.58 20.80
C GLY B 147 -18.65 -12.29 21.58
N LEU B 148 -17.59 -11.65 22.08
CA LEU B 148 -17.80 -10.50 22.93
C LEU B 148 -18.04 -9.24 22.09
N ASP B 149 -17.46 -9.21 20.88
CA ASP B 149 -17.75 -8.14 19.95
C ASP B 149 -19.20 -8.17 19.48
N GLU B 150 -19.82 -9.35 19.45
CA GLU B 150 -21.25 -9.43 19.18
C GLU B 150 -22.06 -8.79 20.31
N ILE B 151 -21.59 -8.94 21.55
CA ILE B 151 -22.27 -8.31 22.69
C ILE B 151 -22.13 -6.79 22.62
N MET B 152 -20.93 -6.30 22.30
CA MET B 152 -20.75 -4.87 22.10
C MET B 152 -21.49 -4.31 20.89
N ALA B 153 -21.67 -5.10 19.85
CA ALA B 153 -22.33 -4.58 18.65
C ALA B 153 -23.85 -4.61 18.76
N THR B 154 -24.41 -5.67 19.32
CA THR B 154 -25.84 -5.94 19.23
C THR B 154 -26.61 -5.71 20.51
N SER B 155 -26.06 -6.12 21.65
CA SER B 155 -26.82 -6.19 22.90
C SER B 155 -27.20 -4.80 23.40
N THR B 156 -28.37 -4.74 24.05
CA THR B 156 -28.95 -3.50 24.51
C THR B 156 -29.03 -3.49 26.04
N ASP B 157 -28.80 -4.64 26.68
CA ASP B 157 -28.86 -4.72 28.14
C ASP B 157 -27.67 -3.99 28.76
N TYR B 158 -27.96 -3.10 29.71
CA TYR B 158 -26.93 -2.27 30.33
C TYR B 158 -25.98 -3.10 31.18
N ASN B 159 -26.50 -4.05 31.95
CA ASN B 159 -25.66 -4.79 32.88
C ASN B 159 -24.77 -5.80 32.16
N SER B 160 -25.24 -6.38 31.06
CA SER B 160 -24.40 -7.31 30.30
C SER B 160 -23.27 -6.58 29.60
N ARG B 161 -23.51 -5.35 29.14
CA ARG B 161 -22.45 -4.56 28.54
C ARG B 161 -21.49 -4.07 29.61
N LEU B 162 -22.00 -3.70 30.79
CA LEU B 162 -21.16 -3.30 31.91
C LEU B 162 -20.26 -4.44 32.35
N TRP B 163 -20.82 -5.66 32.42
CA TRP B 163 -20.05 -6.89 32.58
C TRP B 163 -18.93 -7.04 31.57
N ALA B 164 -19.26 -7.00 30.27
CA ALA B 164 -18.26 -7.29 29.26
C ALA B 164 -17.16 -6.25 29.24
N TRP B 165 -17.53 -4.98 29.38
CA TRP B 165 -16.56 -3.88 29.39
C TRP B 165 -15.65 -3.95 30.60
N GLU B 166 -16.23 -4.04 31.81
CA GLU B 166 -15.42 -4.04 33.02
C GLU B 166 -14.61 -5.32 33.14
N GLY B 167 -15.15 -6.44 32.65
CA GLY B 167 -14.42 -7.69 32.75
C GLY B 167 -13.24 -7.76 31.79
N TRP B 168 -13.42 -7.28 30.56
CA TRP B 168 -12.26 -7.29 29.67
C TRP B 168 -11.25 -6.23 30.07
N ARG B 169 -11.73 -5.11 30.65
CA ARG B 169 -10.84 -4.14 31.26
C ARG B 169 -10.03 -4.74 32.41
N ALA B 170 -10.66 -5.53 33.27
CA ALA B 170 -9.95 -6.14 34.39
C ALA B 170 -8.96 -7.21 33.90
N GLU B 171 -9.49 -8.28 33.32
CA GLU B 171 -8.59 -9.35 32.85
C GLU B 171 -7.73 -8.98 31.62
N VAL B 172 -7.66 -7.75 31.11
CA VAL B 172 -6.57 -7.36 30.22
C VAL B 172 -5.69 -6.28 30.84
N GLY B 173 -6.28 -5.27 31.48
CA GLY B 173 -5.50 -4.20 32.05
C GLY B 173 -4.64 -4.63 33.23
N LYS B 174 -5.16 -5.52 34.09
CA LYS B 174 -4.37 -6.01 35.21
C LYS B 174 -3.19 -6.85 34.74
N GLN B 175 -3.34 -7.51 33.58
CA GLN B 175 -2.27 -8.33 33.03
C GLN B 175 -1.33 -7.55 32.12
N LEU B 176 -1.74 -6.39 31.63
CA LEU B 176 -0.93 -5.60 30.71
C LEU B 176 -0.38 -4.32 31.31
N ARG B 177 -0.71 -4.00 32.55
CA ARG B 177 -0.11 -2.81 33.16
C ARG B 177 1.40 -2.89 33.35
N PRO B 178 2.01 -3.93 33.96
CA PRO B 178 3.48 -3.92 34.06
C PRO B 178 4.16 -4.18 32.73
N LEU B 179 3.52 -4.94 31.84
CA LEU B 179 4.05 -5.13 30.50
C LEU B 179 4.17 -3.80 29.77
N TYR B 180 3.16 -2.94 29.91
CA TYR B 180 3.26 -1.59 29.35
C TYR B 180 4.26 -0.73 30.12
N GLU B 181 4.46 -1.01 31.42
CA GLU B 181 5.41 -0.23 32.23
C GLU B 181 6.84 -0.40 31.72
N GLU B 182 7.29 -1.63 31.50
CA GLU B 182 8.60 -1.75 30.84
C GLU B 182 8.56 -1.58 29.32
N TYR B 183 7.39 -1.69 28.68
CA TYR B 183 7.31 -1.44 27.24
C TYR B 183 7.62 0.02 26.92
N VAL B 184 7.10 0.94 27.75
CA VAL B 184 7.37 2.36 27.55
C VAL B 184 8.85 2.66 27.71
N VAL B 185 9.49 2.06 28.72
CA VAL B 185 10.91 2.31 28.98
C VAL B 185 11.78 1.76 27.86
N LEU B 186 11.49 0.55 27.39
CA LEU B 186 12.28 -0.03 26.29
C LEU B 186 12.08 0.74 24.99
N LYS B 187 10.85 1.17 24.70
CA LYS B 187 10.62 1.96 23.49
C LYS B 187 11.26 3.34 23.60
N ASN B 188 11.30 3.92 24.80
CA ASN B 188 12.01 5.18 24.99
C ASN B 188 13.51 5.03 24.79
N GLU B 189 14.08 3.92 25.27
CA GLU B 189 15.50 3.66 25.03
C GLU B 189 15.78 3.45 23.55
N MET B 190 14.89 2.75 22.85
CA MET B 190 15.06 2.52 21.42
C MET B 190 14.94 3.82 20.63
N ALA B 191 14.03 4.70 21.05
CA ALA B 191 13.85 5.96 20.34
C ALA B 191 15.01 6.92 20.62
N ARG B 192 15.46 7.00 21.86
CA ARG B 192 16.61 7.84 22.19
C ARG B 192 17.91 7.27 21.65
N ALA B 193 17.96 5.99 21.29
CA ALA B 193 19.09 5.46 20.55
C ALA B 193 19.06 5.87 19.08
N ASN B 194 17.93 6.35 18.57
CA ASN B 194 17.82 6.81 17.20
C ASN B 194 17.73 8.33 17.10
N ASN B 195 18.26 9.04 18.11
CA ASN B 195 18.29 10.51 18.18
C ASN B 195 16.88 11.12 18.13
N TYR B 196 15.94 10.48 18.81
CA TYR B 196 14.60 11.01 19.00
C TYR B 196 14.40 11.32 20.48
N ASN B 197 13.48 12.26 20.75
CA ASN B 197 13.23 12.64 22.14
C ASN B 197 12.49 11.56 22.91
N ASP B 198 11.47 10.97 22.29
CA ASP B 198 10.74 9.86 22.88
C ASP B 198 10.20 8.99 21.75
N TYR B 199 9.44 7.96 22.12
CA TYR B 199 8.83 7.11 21.12
C TYR B 199 7.68 7.81 20.42
N GLY B 200 7.07 8.79 21.08
CA GLY B 200 6.10 9.64 20.40
C GLY B 200 6.72 10.47 19.30
N ASP B 201 7.93 10.98 19.52
CA ASP B 201 8.62 11.72 18.46
C ASP B 201 9.09 10.77 17.36
N TYR B 202 9.38 9.51 17.71
CA TYR B 202 9.69 8.52 16.69
C TYR B 202 8.50 8.24 15.78
N TRP B 203 7.31 8.15 16.37
CA TRP B 203 6.11 8.02 15.54
C TRP B 203 5.78 9.29 14.77
N ARG B 204 6.05 10.47 15.35
CA ARG B 204 5.80 11.71 14.65
C ARG B 204 6.85 12.00 13.58
N GLY B 205 7.95 11.25 13.56
CA GLY B 205 8.92 11.33 12.48
C GLY B 205 8.45 10.73 11.18
N ASP B 206 7.30 10.06 11.17
CA ASP B 206 6.68 9.64 9.91
C ASP B 206 6.07 10.81 9.16
N TYR B 207 5.81 11.92 9.83
CA TYR B 207 5.26 13.11 9.21
C TYR B 207 6.30 14.17 8.94
N GLU B 208 7.57 13.88 9.19
CA GLU B 208 8.63 14.84 8.96
C GLU B 208 8.91 14.96 7.46
N ALA B 209 8.94 16.20 6.97
CA ALA B 209 9.23 16.48 5.57
C ALA B 209 10.32 17.51 5.49
N GLU B 210 11.33 17.25 4.65
CA GLU B 210 12.55 18.03 4.63
C GLU B 210 12.84 18.66 3.28
N GLY B 211 12.11 18.26 2.23
CA GLY B 211 12.40 18.72 0.89
C GLY B 211 12.05 20.18 0.68
N ALA B 212 12.92 20.88 -0.05
CA ALA B 212 12.75 22.26 -0.54
C ALA B 212 12.52 23.28 0.56
N ASP B 213 12.00 24.45 0.19
CA ASP B 213 11.68 25.52 1.12
C ASP B 213 10.19 25.83 1.01
N GLY B 214 9.54 25.97 2.16
CA GLY B 214 8.11 26.10 2.23
C GLY B 214 7.38 24.77 2.31
N TYR B 215 8.07 23.66 2.00
CA TYR B 215 7.57 22.32 2.16
C TYR B 215 8.14 21.64 3.39
N ASN B 216 8.85 22.39 4.23
CA ASN B 216 9.49 21.82 5.41
C ASN B 216 8.43 21.58 6.48
N TYR B 217 8.31 20.34 6.92
CA TYR B 217 7.42 19.97 8.00
C TYR B 217 8.23 19.34 9.13
N ASN B 218 7.89 19.69 10.36
CA ASN B 218 8.61 19.24 11.53
C ASN B 218 7.71 18.33 12.35
N ARG B 219 8.33 17.47 13.16
CA ARG B 219 7.58 16.55 14.01
C ARG B 219 6.77 17.31 15.06
N ASN B 220 7.41 18.28 15.73
CA ASN B 220 6.76 19.05 16.79
C ASN B 220 5.66 19.94 16.26
N GLN B 221 5.64 20.22 14.96
CA GLN B 221 4.54 20.95 14.36
C GLN B 221 3.27 20.11 14.35
N LEU B 222 3.41 18.79 14.16
CA LEU B 222 2.28 17.91 13.86
C LEU B 222 1.21 17.95 14.94
N ILE B 223 1.65 17.92 16.21
CA ILE B 223 0.75 17.96 17.36
C ILE B 223 -0.16 19.17 17.30
N GLU B 224 0.43 20.35 17.05
CA GLU B 224 -0.39 21.56 17.08
C GLU B 224 -1.32 21.60 15.89
N ASP B 225 -0.89 21.02 14.75
CA ASP B 225 -1.75 20.92 13.58
C ASP B 225 -2.95 20.03 13.90
N VAL B 226 -2.70 18.92 14.60
CA VAL B 226 -3.78 18.04 15.03
C VAL B 226 -4.70 18.78 15.97
N GLU B 227 -4.12 19.55 16.90
CA GLU B 227 -4.92 20.33 17.83
C GLU B 227 -5.70 21.41 17.09
N ARG B 228 -5.08 22.01 16.06
CA ARG B 228 -5.78 23.00 15.26
C ARG B 228 -6.95 22.36 14.53
N THR B 229 -6.76 21.15 14.01
CA THR B 229 -7.85 20.48 13.34
C THR B 229 -8.87 19.94 14.33
N PHE B 230 -8.51 19.84 15.60
CA PHE B 230 -9.52 19.49 16.58
C PHE B 230 -10.21 20.72 17.15
N ALA B 231 -9.77 21.92 16.76
CA ALA B 231 -10.42 23.12 17.26
C ALA B 231 -11.76 23.37 16.58
N GLU B 232 -11.97 22.81 15.40
CA GLU B 232 -13.16 23.11 14.61
C GLU B 232 -13.91 21.88 14.12
N ILE B 233 -13.42 20.67 14.39
CA ILE B 233 -14.28 19.49 14.36
C ILE B 233 -15.13 19.43 15.62
N LYS B 234 -14.65 20.07 16.69
CA LYS B 234 -15.31 20.02 18.00
C LYS B 234 -16.76 20.51 18.04
N PRO B 235 -17.21 21.55 17.32
CA PRO B 235 -18.67 21.82 17.32
C PRO B 235 -19.50 20.74 16.65
N LEU B 236 -19.04 20.20 15.52
CA LEU B 236 -19.77 19.12 14.86
C LEU B 236 -19.80 17.86 15.72
N TYR B 237 -18.67 17.55 16.37
CA TYR B 237 -18.66 16.41 17.28
C TYR B 237 -19.52 16.66 18.51
N GLU B 238 -19.59 17.90 18.99
CA GLU B 238 -20.44 18.21 20.14
C GLU B 238 -21.91 18.05 19.80
N HIS B 239 -22.31 18.49 18.60
CA HIS B 239 -23.71 18.31 18.18
C HIS B 239 -24.05 16.85 17.95
N LEU B 240 -23.12 16.09 17.35
CA LEU B 240 -23.32 14.65 17.16
C LEU B 240 -23.39 13.92 18.50
N HIS B 241 -22.54 14.31 19.44
CA HIS B 241 -22.51 13.73 20.78
C HIS B 241 -23.81 14.03 21.52
N ALA B 242 -24.33 15.24 21.40
CA ALA B 242 -25.60 15.60 22.03
C ALA B 242 -26.76 14.81 21.45
N TYR B 243 -26.79 14.65 20.12
CA TYR B 243 -27.86 13.87 19.49
C TYR B 243 -27.80 12.40 19.89
N VAL B 244 -26.59 11.83 19.90
CA VAL B 244 -26.41 10.44 20.29
C VAL B 244 -26.76 10.25 21.76
N ARG B 245 -26.42 11.23 22.60
CA ARG B 245 -26.75 11.16 24.02
C ARG B 245 -28.26 11.22 24.24
N ARG B 246 -28.98 12.05 23.49
CA ARG B 246 -30.42 12.09 23.62
C ARG B 246 -31.08 10.79 23.13
N LYS B 247 -30.59 10.22 22.03
CA LYS B 247 -31.17 8.97 21.55
C LYS B 247 -30.82 7.79 22.47
N LEU B 248 -29.65 7.81 23.10
CA LEU B 248 -29.32 6.76 24.05
C LEU B 248 -30.07 6.93 25.36
N MET B 249 -30.40 8.18 25.72
CA MET B 249 -31.28 8.42 26.87
C MET B 249 -32.68 7.92 26.58
N ASP B 250 -33.12 8.02 25.32
CA ASP B 250 -34.34 7.35 24.90
C ASP B 250 -34.20 5.84 25.04
N THR B 251 -33.02 5.30 24.71
CA THR B 251 -32.79 3.87 24.88
C THR B 251 -32.62 3.50 26.35
N TYR B 252 -31.72 4.17 27.06
CA TYR B 252 -31.47 3.90 28.47
C TYR B 252 -32.08 5.04 29.29
N PRO B 253 -33.20 4.80 29.99
CA PRO B 253 -33.99 5.93 30.53
C PRO B 253 -33.34 6.73 31.65
N SER B 254 -32.84 6.06 32.68
CA SER B 254 -32.32 6.74 33.86
C SER B 254 -30.83 6.62 34.04
N TYR B 255 -30.14 5.89 33.16
CA TYR B 255 -28.72 5.65 33.32
C TYR B 255 -27.84 6.68 32.64
N ILE B 256 -28.41 7.59 31.86
CA ILE B 256 -27.66 8.63 31.16
C ILE B 256 -28.26 9.98 31.52
N SER B 257 -27.40 10.94 31.88
CA SER B 257 -27.66 12.31 32.27
C SER B 257 -27.68 13.22 31.05
N PRO B 258 -28.53 14.26 31.05
CA PRO B 258 -28.57 15.17 29.90
C PRO B 258 -27.35 16.07 29.79
N THR B 259 -26.76 16.48 30.90
CA THR B 259 -25.60 17.37 30.88
C THR B 259 -24.29 16.63 31.03
N GLY B 260 -24.32 15.32 31.22
CA GLY B 260 -23.13 14.55 31.48
C GLY B 260 -22.52 13.92 30.24
N CYS B 261 -21.48 13.12 30.47
CA CYS B 261 -20.80 12.41 29.41
C CYS B 261 -21.50 11.07 29.14
N LEU B 262 -21.14 10.47 28.03
CA LEU B 262 -21.67 9.16 27.69
C LEU B 262 -20.95 8.08 28.50
N PRO B 263 -21.65 7.03 28.92
CA PRO B 263 -20.97 5.88 29.50
C PRO B 263 -20.13 5.15 28.46
N ALA B 264 -19.04 4.55 28.92
CA ALA B 264 -18.04 4.00 28.01
C ALA B 264 -18.49 2.71 27.34
N HIS B 265 -19.46 2.01 27.89
CA HIS B 265 -19.85 0.70 27.37
C HIS B 265 -21.14 0.75 26.55
N LEU B 266 -21.63 1.94 26.23
CA LEU B 266 -22.86 2.07 25.46
C LEU B 266 -22.60 2.63 24.06
N LEU B 267 -21.38 2.50 23.56
CA LEU B 267 -20.97 3.17 22.34
C LEU B 267 -20.91 2.26 21.13
N GLY B 268 -21.35 1.02 21.25
CA GLY B 268 -21.45 0.13 20.11
C GLY B 268 -20.19 -0.66 19.81
N ASP B 269 -19.05 -0.25 20.35
CA ASP B 269 -17.81 -1.01 20.23
C ASP B 269 -17.31 -1.40 21.61
N MET B 270 -16.21 -2.14 21.63
CA MET B 270 -15.60 -2.52 22.89
C MET B 270 -14.96 -1.32 23.58
N TRP B 271 -14.38 -0.42 22.79
CA TRP B 271 -13.64 0.72 23.32
C TRP B 271 -14.31 2.05 23.01
N GLY B 272 -15.39 2.05 22.24
CA GLY B 272 -15.97 3.30 21.78
C GLY B 272 -15.24 3.90 20.60
N ARG B 273 -14.47 3.09 19.87
CA ARG B 273 -13.66 3.61 18.77
C ARG B 273 -14.53 4.00 17.59
N PHE B 274 -15.51 3.18 17.25
CA PHE B 274 -16.47 3.49 16.19
C PHE B 274 -17.87 3.51 16.77
N TRP B 275 -18.63 4.53 16.43
CA TRP B 275 -20.00 4.64 16.88
C TRP B 275 -20.99 4.06 15.89
N THR B 276 -20.50 3.31 14.90
CA THR B 276 -21.34 2.87 13.78
C THR B 276 -22.35 1.80 14.18
N ASN B 277 -22.17 1.14 15.32
CA ASN B 277 -23.15 0.18 15.80
C ASN B 277 -24.28 0.81 16.59
N LEU B 278 -24.23 2.13 16.76
CA LEU B 278 -25.33 2.86 17.39
C LEU B 278 -26.38 3.31 16.40
N TYR B 279 -26.21 2.98 15.11
CA TYR B 279 -27.16 3.42 14.08
C TYR B 279 -28.58 2.89 14.24
N PRO B 280 -28.84 1.62 14.60
CA PRO B 280 -30.23 1.25 14.92
C PRO B 280 -30.83 2.01 16.09
N LEU B 281 -30.03 2.36 17.10
CA LEU B 281 -30.56 3.12 18.22
C LEU B 281 -30.71 4.60 17.89
N THR B 282 -29.90 5.13 16.98
CA THR B 282 -29.85 6.56 16.70
C THR B 282 -30.28 6.89 15.29
N VAL B 283 -31.18 6.11 14.70
CA VAL B 283 -31.60 6.37 13.32
C VAL B 283 -32.48 7.62 13.28
N PRO B 284 -32.26 8.54 12.33
CA PRO B 284 -33.13 9.72 12.22
C PRO B 284 -34.53 9.37 11.76
N PHE B 285 -34.61 8.67 10.62
CA PHE B 285 -35.87 8.34 9.98
C PHE B 285 -35.92 6.83 9.80
N ALA B 286 -36.59 6.14 10.71
CA ALA B 286 -36.65 4.69 10.66
C ALA B 286 -37.53 4.19 9.53
N GLN B 287 -38.50 4.99 9.09
CA GLN B 287 -39.37 4.57 8.00
C GLN B 287 -38.64 4.56 6.66
N LYS B 288 -37.66 5.41 6.49
CA LYS B 288 -36.89 5.40 5.25
C LYS B 288 -35.83 4.31 5.31
N PRO B 289 -35.79 3.41 4.33
CA PRO B 289 -34.77 2.35 4.34
C PRO B 289 -33.41 2.87 3.94
N ASN B 290 -32.40 2.00 4.01
CA ASN B 290 -31.03 2.40 3.74
C ASN B 290 -30.79 2.21 2.24
N ILE B 291 -29.55 2.37 1.78
CA ILE B 291 -29.25 2.40 0.35
C ILE B 291 -28.59 1.05 0.01
N ASP B 292 -28.94 0.03 0.78
CA ASP B 292 -28.41 -1.32 0.57
C ASP B 292 -28.90 -1.90 -0.75
N VAL B 293 -27.96 -2.39 -1.55
CA VAL B 293 -28.29 -2.93 -2.87
C VAL B 293 -27.83 -4.39 -2.98
N THR B 294 -27.76 -5.08 -1.83
CA THR B 294 -27.35 -6.48 -1.82
C THR B 294 -28.36 -7.36 -2.56
N ASP B 295 -29.65 -7.13 -2.33
CA ASP B 295 -30.69 -7.90 -3.00
C ASP B 295 -30.73 -7.64 -4.51
N ALA B 296 -30.34 -6.44 -4.94
CA ALA B 296 -30.22 -6.18 -6.37
C ALA B 296 -29.07 -6.96 -6.99
N MET B 297 -27.99 -7.16 -6.24
CA MET B 297 -26.90 -8.03 -6.71
C MET B 297 -27.35 -9.48 -6.75
N MET B 298 -28.18 -9.89 -5.78
CA MET B 298 -28.72 -11.24 -5.78
C MET B 298 -29.65 -11.48 -6.96
N ASN B 299 -30.44 -10.47 -7.32
CA ASN B 299 -31.41 -10.65 -8.40
C ASN B 299 -30.77 -10.66 -9.77
N GLN B 300 -29.68 -9.91 -9.96
CA GLN B 300 -28.99 -9.89 -11.25
C GLN B 300 -27.90 -10.94 -11.36
N GLY B 301 -27.74 -11.79 -10.36
CA GLY B 301 -26.77 -12.87 -10.42
C GLY B 301 -25.32 -12.43 -10.41
N TRP B 302 -25.00 -11.40 -9.62
CA TRP B 302 -23.62 -10.94 -9.52
C TRP B 302 -22.80 -11.92 -8.69
N ASP B 303 -21.52 -11.99 -9.01
CA ASP B 303 -20.55 -12.72 -8.21
C ASP B 303 -19.35 -11.80 -7.99
N ALA B 304 -18.32 -12.32 -7.31
CA ALA B 304 -17.18 -11.51 -6.92
C ALA B 304 -16.37 -11.04 -8.12
N GLU B 305 -16.34 -11.86 -9.17
CA GLU B 305 -15.67 -11.46 -10.41
C GLU B 305 -16.32 -10.23 -11.01
N ARG B 306 -17.65 -10.17 -11.00
CA ARG B 306 -18.34 -8.98 -11.51
C ARG B 306 -18.16 -7.78 -10.59
N ILE B 307 -18.02 -8.03 -9.28
CA ILE B 307 -17.74 -6.94 -8.33
C ILE B 307 -16.42 -6.28 -8.65
N PHE B 308 -15.37 -7.09 -8.83
CA PHE B 308 -14.07 -6.52 -9.12
C PHE B 308 -13.98 -5.98 -10.54
N GLN B 309 -14.78 -6.54 -11.46
CA GLN B 309 -14.84 -5.97 -12.81
C GLN B 309 -15.52 -4.60 -12.80
N GLU B 310 -16.53 -4.41 -11.96
CA GLU B 310 -17.17 -3.10 -11.86
C GLU B 310 -16.26 -2.09 -11.19
N ALA B 311 -15.47 -2.55 -10.21
CA ALA B 311 -14.46 -1.67 -9.61
C ALA B 311 -13.40 -1.27 -10.63
N GLU B 312 -12.97 -2.22 -11.47
CA GLU B 312 -12.03 -1.91 -12.53
C GLU B 312 -12.64 -0.97 -13.57
N LYS B 313 -13.93 -1.13 -13.86
CA LYS B 313 -14.61 -0.22 -14.78
C LYS B 313 -14.65 1.19 -14.22
N PHE B 314 -14.86 1.32 -12.91
CA PHE B 314 -14.79 2.63 -12.26
C PHE B 314 -13.39 3.24 -12.38
N PHE B 315 -12.35 2.43 -12.16
CA PHE B 315 -11.00 2.97 -12.17
C PHE B 315 -10.49 3.26 -13.58
N VAL B 316 -11.04 2.62 -14.61
CA VAL B 316 -10.69 3.01 -15.96
C VAL B 316 -11.59 4.13 -16.48
N SER B 317 -12.76 4.31 -15.90
CA SER B 317 -13.58 5.46 -16.27
C SER B 317 -13.03 6.75 -15.67
N VAL B 318 -12.38 6.66 -14.52
CA VAL B 318 -11.76 7.86 -13.95
C VAL B 318 -10.42 8.17 -14.63
N GLY B 319 -9.82 7.22 -15.33
CA GLY B 319 -8.60 7.46 -16.08
C GLY B 319 -7.39 6.67 -15.63
N LEU B 320 -7.44 6.02 -14.47
CA LEU B 320 -6.34 5.18 -14.01
C LEU B 320 -6.28 3.89 -14.83
N PRO B 321 -5.11 3.24 -14.90
CA PRO B 321 -4.96 2.08 -15.80
C PRO B 321 -5.76 0.86 -15.36
N HIS B 322 -5.85 -0.09 -16.29
CA HIS B 322 -6.53 -1.35 -16.05
C HIS B 322 -5.75 -2.21 -15.08
N MET B 323 -6.40 -3.25 -14.58
CA MET B 323 -5.75 -4.21 -13.72
C MET B 323 -4.89 -5.14 -14.57
N THR B 324 -3.82 -5.66 -13.96
CA THR B 324 -2.93 -6.54 -14.69
C THR B 324 -3.56 -7.92 -14.85
N GLN B 325 -3.01 -8.70 -15.78
CA GLN B 325 -3.47 -10.08 -15.95
C GLN B 325 -3.05 -10.95 -14.77
N GLY B 326 -1.92 -10.63 -14.14
CA GLY B 326 -1.52 -11.35 -12.95
C GLY B 326 -2.40 -11.06 -11.76
N PHE B 327 -3.05 -9.90 -11.74
CA PHE B 327 -4.04 -9.61 -10.70
C PHE B 327 -5.21 -10.57 -10.77
N TRP B 328 -5.75 -10.77 -11.97
CA TRP B 328 -6.87 -11.70 -12.11
C TRP B 328 -6.42 -13.15 -11.97
N ALA B 329 -5.19 -13.45 -12.38
CA ALA B 329 -4.72 -14.83 -12.32
C ALA B 329 -4.38 -15.28 -10.90
N ASN B 330 -3.73 -14.43 -10.11
CA ASN B 330 -3.12 -14.89 -8.87
C ASN B 330 -3.94 -14.59 -7.63
N SER B 331 -4.83 -13.60 -7.65
CA SER B 331 -5.54 -13.21 -6.45
C SER B 331 -6.59 -14.25 -6.07
N MET B 332 -6.98 -14.22 -4.80
CA MET B 332 -8.20 -14.89 -4.36
C MET B 332 -9.28 -13.84 -4.14
N LEU B 333 -10.46 -14.08 -4.71
CA LEU B 333 -11.59 -13.19 -4.55
C LEU B 333 -12.79 -13.91 -3.95
N THR B 334 -12.60 -15.14 -3.48
CA THR B 334 -13.68 -15.97 -2.98
C THR B 334 -13.08 -16.85 -1.89
N GLU B 335 -13.91 -17.26 -0.93
CA GLU B 335 -13.56 -18.36 -0.04
C GLU B 335 -13.23 -19.59 -0.86
N PRO B 336 -12.04 -20.18 -0.70
CA PRO B 336 -11.63 -21.23 -1.64
C PRO B 336 -12.38 -22.54 -1.46
N ALA B 337 -12.71 -22.91 -0.21
CA ALA B 337 -13.52 -24.08 0.14
C ALA B 337 -12.92 -25.40 -0.38
N ASP B 338 -11.60 -25.46 -0.52
CA ASP B 338 -10.92 -26.66 -0.93
C ASP B 338 -10.01 -27.22 0.15
N GLY B 339 -10.25 -26.85 1.40
CA GLY B 339 -9.55 -27.41 2.54
C GLY B 339 -8.45 -26.56 3.13
N ARG B 340 -8.15 -25.40 2.55
CA ARG B 340 -7.11 -24.53 3.08
C ARG B 340 -7.74 -23.40 3.88
N LYS B 341 -7.12 -23.09 5.02
CA LYS B 341 -7.59 -22.00 5.87
C LYS B 341 -7.03 -20.68 5.39
N VAL B 342 -7.87 -19.64 5.40
CA VAL B 342 -7.51 -18.31 4.95
C VAL B 342 -7.88 -17.30 6.03
N VAL B 343 -7.36 -16.09 5.87
CA VAL B 343 -7.68 -14.98 6.75
C VAL B 343 -8.82 -14.18 6.11
N CYS B 344 -9.87 -13.92 6.89
CA CYS B 344 -11.06 -13.29 6.35
C CYS B 344 -10.87 -11.81 6.04
N HIS B 345 -9.85 -11.18 6.61
CA HIS B 345 -9.66 -9.74 6.43
C HIS B 345 -9.15 -9.42 5.02
N PRO B 346 -9.77 -8.48 4.32
CA PRO B 346 -9.27 -8.09 3.00
C PRO B 346 -7.97 -7.33 3.09
N THR B 347 -7.02 -7.68 2.23
CA THR B 347 -5.71 -7.05 2.20
C THR B 347 -5.26 -6.91 0.77
N ALA B 348 -4.73 -5.74 0.43
CA ALA B 348 -4.14 -5.49 -0.88
C ALA B 348 -2.63 -5.64 -0.79
N TRP B 349 -2.07 -6.46 -1.66
CA TRP B 349 -0.68 -6.87 -1.61
C TRP B 349 0.08 -6.32 -2.80
N ASP B 350 1.17 -5.62 -2.53
CA ASP B 350 2.13 -5.20 -3.54
C ASP B 350 3.37 -6.05 -3.34
N LEU B 351 3.44 -7.18 -4.04
CA LEU B 351 4.52 -8.13 -3.79
C LEU B 351 5.84 -7.67 -4.37
N GLY B 352 5.82 -6.74 -5.32
CA GLY B 352 7.00 -6.35 -6.04
C GLY B 352 7.07 -7.00 -7.41
N HIS B 353 7.93 -6.43 -8.26
CA HIS B 353 8.13 -6.85 -9.65
C HIS B 353 6.83 -6.84 -10.45
N GLY B 354 5.98 -5.84 -10.20
CA GLY B 354 4.74 -5.73 -10.92
C GLY B 354 3.68 -6.71 -10.52
N ASP B 355 3.78 -7.31 -9.33
CA ASP B 355 2.80 -8.27 -8.85
C ASP B 355 1.90 -7.57 -7.84
N PHE B 356 0.61 -7.44 -8.18
CA PHE B 356 -0.38 -6.77 -7.36
C PHE B 356 -1.56 -7.71 -7.17
N ARG B 357 -1.84 -8.07 -5.92
CA ARG B 357 -2.89 -9.02 -5.62
C ARG B 357 -3.84 -8.46 -4.57
N ILE B 358 -5.02 -9.06 -4.47
CA ILE B 358 -5.98 -8.75 -3.43
C ILE B 358 -6.43 -10.06 -2.80
N LYS B 359 -6.29 -10.18 -1.48
CA LYS B 359 -6.84 -11.29 -0.74
C LYS B 359 -8.12 -10.80 -0.05
N MET B 360 -9.27 -11.22 -0.57
CA MET B 360 -10.53 -10.85 0.06
C MET B 360 -11.54 -11.95 -0.19
N CYS B 361 -12.17 -12.43 0.88
CA CYS B 361 -13.21 -13.46 0.78
C CYS B 361 -14.52 -12.75 0.52
N THR B 362 -14.73 -12.42 -0.75
CA THR B 362 -15.82 -11.54 -1.14
C THR B 362 -17.14 -12.30 -1.18
N LYS B 363 -18.05 -11.93 -0.30
CA LYS B 363 -19.46 -12.29 -0.44
C LYS B 363 -20.14 -11.25 -1.31
N VAL B 364 -21.28 -11.62 -1.88
CA VAL B 364 -22.00 -10.72 -2.79
C VAL B 364 -22.91 -9.85 -1.94
N THR B 365 -22.32 -8.80 -1.38
CA THR B 365 -23.01 -7.80 -0.58
C THR B 365 -22.54 -6.42 -1.00
N MET B 366 -23.22 -5.39 -0.48
CA MET B 366 -22.82 -4.02 -0.78
C MET B 366 -21.54 -3.63 -0.06
N ASP B 367 -21.35 -4.13 1.17
CA ASP B 367 -20.18 -3.80 1.95
C ASP B 367 -18.91 -4.36 1.32
N ASN B 368 -18.98 -5.57 0.78
CA ASN B 368 -17.84 -6.13 0.08
C ASN B 368 -17.61 -5.47 -1.27
N PHE B 369 -18.67 -4.90 -1.87
CA PHE B 369 -18.52 -4.11 -3.09
C PHE B 369 -17.73 -2.84 -2.82
N LEU B 370 -18.08 -2.13 -1.75
CA LEU B 370 -17.32 -0.95 -1.35
C LEU B 370 -15.92 -1.31 -0.89
N THR B 371 -15.76 -2.46 -0.25
CA THR B 371 -14.44 -2.92 0.16
C THR B 371 -13.58 -3.28 -1.04
N ALA B 372 -14.17 -3.84 -2.09
CA ALA B 372 -13.44 -4.11 -3.32
C ALA B 372 -12.97 -2.82 -3.98
N HIS B 373 -13.82 -1.79 -3.97
CA HIS B 373 -13.40 -0.47 -4.46
C HIS B 373 -12.26 0.09 -3.61
N HIS B 374 -12.33 -0.10 -2.29
CA HIS B 374 -11.29 0.37 -1.37
C HIS B 374 -9.95 -0.32 -1.62
N GLU B 375 -9.96 -1.64 -1.72
CA GLU B 375 -8.70 -2.38 -1.88
C GLU B 375 -8.15 -2.22 -3.29
N MET B 376 -9.01 -2.02 -4.29
CA MET B 376 -8.46 -1.74 -5.60
C MET B 376 -7.95 -0.30 -5.68
N GLY B 377 -8.45 0.61 -4.84
CA GLY B 377 -7.81 1.90 -4.68
C GLY B 377 -6.42 1.79 -4.09
N HIS B 378 -6.27 0.91 -3.09
CA HIS B 378 -4.94 0.57 -2.55
C HIS B 378 -4.02 0.03 -3.64
N ILE B 379 -4.55 -0.86 -4.48
CA ILE B 379 -3.74 -1.48 -5.52
C ILE B 379 -3.35 -0.47 -6.59
N GLN B 380 -4.26 0.45 -6.94
CA GLN B 380 -3.94 1.49 -7.91
C GLN B 380 -2.89 2.46 -7.37
N TYR B 381 -2.97 2.78 -6.08
CA TYR B 381 -1.92 3.57 -5.43
C TYR B 381 -0.58 2.84 -5.48
N ASP B 382 -0.59 1.52 -5.25
CA ASP B 382 0.64 0.75 -5.33
C ASP B 382 1.19 0.66 -6.76
N MET B 383 0.30 0.55 -7.74
CA MET B 383 0.72 0.43 -9.14
C MET B 383 1.30 1.73 -9.66
N ALA B 384 0.82 2.86 -9.16
CA ALA B 384 1.23 4.13 -9.76
C ALA B 384 2.66 4.51 -9.40
N TYR B 385 3.13 4.18 -8.19
CA TYR B 385 4.51 4.52 -7.84
C TYR B 385 5.49 3.38 -8.12
N ALA B 386 5.15 2.45 -9.01
CA ALA B 386 6.08 1.38 -9.35
C ALA B 386 7.27 1.88 -10.14
N ARG B 387 7.16 3.05 -10.78
CA ARG B 387 8.26 3.66 -11.50
C ARG B 387 9.32 4.25 -10.57
N GLN B 388 8.98 4.45 -9.29
CA GLN B 388 9.92 4.98 -8.32
C GLN B 388 10.96 3.93 -7.97
N PRO B 389 12.09 4.34 -7.39
CA PRO B 389 13.02 3.37 -6.79
C PRO B 389 12.38 2.66 -5.60
N PHE B 390 13.03 1.57 -5.18
CA PHE B 390 12.43 0.63 -4.23
C PHE B 390 12.19 1.27 -2.86
N LEU B 391 13.11 2.12 -2.41
CA LEU B 391 12.94 2.74 -1.10
C LEU B 391 11.89 3.84 -1.11
N LEU B 392 11.50 4.34 -2.28
CA LEU B 392 10.49 5.37 -2.38
C LEU B 392 9.16 4.82 -2.88
N ARG B 393 8.97 3.50 -2.82
CA ARG B 393 7.70 2.88 -3.20
C ARG B 393 6.81 2.70 -1.97
N ASN B 394 6.41 3.83 -1.39
CA ASN B 394 5.53 3.85 -0.23
C ASN B 394 4.53 4.99 -0.42
N GLY B 395 3.66 5.15 0.56
CA GLY B 395 2.81 6.33 0.58
C GLY B 395 3.59 7.56 0.96
N ALA B 396 2.98 8.73 0.69
CA ALA B 396 3.61 10.00 1.04
C ALA B 396 3.77 10.14 2.54
N ASN B 397 2.75 9.77 3.30
CA ASN B 397 2.88 9.41 4.70
C ASN B 397 1.91 8.27 4.97
N GLU B 398 1.70 7.96 6.26
CA GLU B 398 0.90 6.80 6.61
C GLU B 398 -0.59 7.02 6.41
N GLY B 399 -1.03 8.26 6.25
CA GLY B 399 -2.45 8.53 6.07
C GLY B 399 -2.88 8.54 4.62
N PHE B 400 -1.93 8.84 3.72
CA PHE B 400 -2.21 8.95 2.30
C PHE B 400 -2.69 7.63 1.71
N HIS B 401 -2.05 6.53 2.13
CA HIS B 401 -2.33 5.23 1.53
C HIS B 401 -3.75 4.76 1.83
N GLU B 402 -4.22 5.01 3.04
CA GLU B 402 -5.59 4.61 3.35
C GLU B 402 -6.60 5.65 2.90
N ALA B 403 -6.20 6.92 2.81
CA ALA B 403 -7.11 7.96 2.32
C ALA B 403 -7.44 7.76 0.85
N VAL B 404 -6.47 7.31 0.04
CA VAL B 404 -6.75 7.08 -1.37
C VAL B 404 -7.56 5.83 -1.63
N GLY B 405 -7.83 5.01 -0.63
CA GLY B 405 -8.79 3.93 -0.79
C GLY B 405 -10.14 4.34 -0.26
N GLU B 406 -10.12 5.16 0.80
CA GLU B 406 -11.36 5.66 1.37
C GLU B 406 -12.09 6.60 0.43
N ILE B 407 -11.36 7.33 -0.44
CA ILE B 407 -12.06 8.19 -1.39
C ILE B 407 -12.78 7.37 -2.47
N MET B 408 -12.22 6.21 -2.86
CA MET B 408 -12.92 5.34 -3.79
C MET B 408 -14.13 4.69 -3.14
N SER B 409 -14.00 4.36 -1.85
CA SER B 409 -15.18 3.88 -1.12
C SER B 409 -16.24 4.97 -0.97
N LEU B 410 -15.81 6.23 -0.89
CA LEU B 410 -16.77 7.34 -0.83
C LEU B 410 -17.51 7.51 -2.15
N SER B 411 -16.77 7.50 -3.26
CA SER B 411 -17.41 7.73 -4.56
C SER B 411 -18.23 6.53 -5.01
N ALA B 412 -17.88 5.32 -4.56
CA ALA B 412 -18.59 4.13 -4.98
C ALA B 412 -19.97 4.00 -4.34
N ALA B 413 -20.18 4.62 -3.18
CA ALA B 413 -21.42 4.47 -2.43
C ALA B 413 -22.49 5.48 -2.80
N THR B 414 -22.20 6.40 -3.71
CA THR B 414 -23.14 7.45 -4.05
C THR B 414 -24.26 6.88 -4.92
N PRO B 415 -25.47 7.45 -4.83
CA PRO B 415 -26.57 6.99 -5.68
C PRO B 415 -26.36 7.22 -7.17
N LYS B 416 -25.53 8.18 -7.55
CA LYS B 416 -25.23 8.37 -8.97
C LYS B 416 -24.44 7.20 -9.54
N HIS B 417 -23.44 6.73 -8.79
CA HIS B 417 -22.65 5.58 -9.22
C HIS B 417 -23.49 4.30 -9.27
N LEU B 418 -24.38 4.12 -8.30
CA LEU B 418 -25.21 2.92 -8.26
C LEU B 418 -26.31 2.97 -9.33
N LYS B 419 -26.80 4.16 -9.66
CA LYS B 419 -27.76 4.27 -10.76
C LYS B 419 -27.09 4.13 -12.11
N SER B 420 -25.81 4.48 -12.20
CA SER B 420 -25.10 4.41 -13.48
C SER B 420 -24.81 2.97 -13.88
N ILE B 421 -24.58 2.10 -12.90
CA ILE B 421 -24.19 0.72 -13.18
C ILE B 421 -25.36 -0.25 -13.05
N GLY B 422 -26.59 0.26 -12.92
CA GLY B 422 -27.78 -0.56 -12.92
C GLY B 422 -28.09 -1.25 -11.61
N LEU B 423 -27.30 -1.03 -10.57
CA LEU B 423 -27.59 -1.63 -9.27
C LEU B 423 -28.81 -0.98 -8.62
N LEU B 424 -28.97 0.30 -8.82
CA LEU B 424 -30.08 1.08 -8.31
C LEU B 424 -30.92 1.57 -9.48
N PRO B 425 -32.25 1.56 -9.36
CA PRO B 425 -33.09 1.89 -10.53
C PRO B 425 -32.97 3.35 -10.94
N SER B 426 -33.25 3.59 -12.23
CA SER B 426 -33.06 4.92 -12.81
C SER B 426 -34.06 5.93 -12.28
N ASP B 427 -35.24 5.48 -11.85
CA ASP B 427 -36.25 6.35 -11.27
C ASP B 427 -36.14 6.49 -9.76
N PHE B 428 -34.94 6.29 -9.21
CA PHE B 428 -34.76 6.37 -7.76
C PHE B 428 -34.84 7.82 -7.30
N GLN B 429 -35.61 8.05 -6.24
CA GLN B 429 -35.81 9.38 -5.69
C GLN B 429 -34.89 9.57 -4.50
N GLU B 430 -34.08 10.63 -4.53
CA GLU B 430 -33.18 10.96 -3.43
C GLU B 430 -33.81 12.12 -2.66
N ASP B 431 -34.63 11.79 -1.66
CA ASP B 431 -35.15 12.82 -0.79
C ASP B 431 -34.11 13.20 0.26
N SER B 432 -34.42 14.24 1.02
CA SER B 432 -33.45 14.76 1.99
C SER B 432 -33.28 13.84 3.18
N GLU B 433 -34.29 13.03 3.49
CA GLU B 433 -34.25 12.19 4.69
C GLU B 433 -33.23 11.06 4.54
N THR B 434 -33.13 10.47 3.35
CA THR B 434 -32.13 9.43 3.18
C THR B 434 -30.72 10.01 3.10
N GLU B 435 -30.58 11.26 2.67
CA GLU B 435 -29.27 11.90 2.72
C GLU B 435 -28.87 12.20 4.16
N ILE B 436 -29.85 12.59 4.98
CA ILE B 436 -29.58 12.87 6.38
C ILE B 436 -29.19 11.61 7.13
N ASN B 437 -29.92 10.51 6.94
CA ASN B 437 -29.54 9.32 7.71
C ASN B 437 -28.31 8.62 7.14
N PHE B 438 -28.05 8.74 5.83
CA PHE B 438 -26.77 8.28 5.29
C PHE B 438 -25.61 9.07 5.86
N LEU B 439 -25.78 10.40 5.94
CA LEU B 439 -24.73 11.24 6.52
C LEU B 439 -24.56 10.98 8.01
N LEU B 440 -25.62 10.59 8.71
CA LEU B 440 -25.47 10.29 10.13
C LEU B 440 -24.75 8.96 10.34
N LYS B 441 -25.03 7.96 9.50
CA LYS B 441 -24.27 6.70 9.57
C LYS B 441 -22.80 6.93 9.24
N GLN B 442 -22.53 7.77 8.23
CA GLN B 442 -21.16 8.14 7.93
C GLN B 442 -20.51 8.92 9.06
N ALA B 443 -21.29 9.75 9.77
CA ALA B 443 -20.73 10.51 10.89
C ALA B 443 -20.39 9.60 12.07
N LEU B 444 -21.26 8.62 12.35
CA LEU B 444 -20.97 7.65 13.40
C LEU B 444 -19.74 6.82 13.07
N THR B 445 -19.50 6.55 11.79
CA THR B 445 -18.27 5.86 11.42
C THR B 445 -17.06 6.80 11.49
N ILE B 446 -17.21 8.05 11.07
CA ILE B 446 -16.09 8.90 10.67
C ILE B 446 -15.79 9.99 11.70
N VAL B 447 -16.80 10.78 12.08
CA VAL B 447 -16.59 11.88 13.00
C VAL B 447 -16.40 11.36 14.41
N GLY B 448 -17.14 10.30 14.79
CA GLY B 448 -17.08 9.77 16.13
C GLY B 448 -15.77 9.09 16.48
N THR B 449 -15.00 8.67 15.48
CA THR B 449 -13.69 8.08 15.75
C THR B 449 -12.58 9.11 15.91
N LEU B 450 -12.85 10.39 15.63
CA LEU B 450 -11.79 11.40 15.66
C LEU B 450 -11.40 11.84 17.07
N PRO B 451 -12.33 12.15 18.00
CA PRO B 451 -11.86 12.45 19.37
C PRO B 451 -11.23 11.25 20.06
N PHE B 452 -11.71 10.03 19.78
CA PHE B 452 -11.09 8.84 20.34
C PHE B 452 -9.66 8.69 19.85
N THR B 453 -9.44 8.89 18.55
CA THR B 453 -8.10 8.78 17.97
C THR B 453 -7.17 9.86 18.51
N TYR B 454 -7.66 11.10 18.56
CA TYR B 454 -6.83 12.21 19.04
C TYR B 454 -6.51 12.06 20.52
N MET B 455 -7.47 11.62 21.34
CA MET B 455 -7.23 11.49 22.77
C MET B 455 -6.28 10.33 23.03
N LEU B 456 -6.44 9.21 22.30
CA LEU B 456 -5.54 8.07 22.49
C LEU B 456 -4.11 8.42 22.10
N GLU B 457 -3.93 9.09 20.96
CA GLU B 457 -2.58 9.46 20.56
C GLU B 457 -1.99 10.54 21.45
N LYS B 458 -2.81 11.46 21.96
CA LYS B 458 -2.32 12.45 22.90
C LYS B 458 -1.89 11.82 24.22
N TRP B 459 -2.66 10.83 24.69
CA TRP B 459 -2.28 10.10 25.90
C TRP B 459 -0.97 9.34 25.68
N ARG B 460 -0.81 8.70 24.53
CA ARG B 460 0.41 7.95 24.28
C ARG B 460 1.61 8.88 24.12
N TRP B 461 1.41 10.04 23.48
CA TRP B 461 2.50 11.01 23.34
C TRP B 461 2.93 11.57 24.68
N MET B 462 1.98 11.86 25.57
CA MET B 462 2.36 12.38 26.87
C MET B 462 2.90 11.29 27.80
N VAL B 463 2.51 10.04 27.61
CA VAL B 463 3.11 8.95 28.35
C VAL B 463 4.56 8.73 27.92
N PHE B 464 4.81 8.71 26.60
CA PHE B 464 6.16 8.51 26.10
C PHE B 464 7.05 9.72 26.41
N ARG B 465 6.48 10.92 26.44
CA ARG B 465 7.24 12.11 26.82
C ARG B 465 7.58 12.12 28.30
N GLY B 466 6.76 11.45 29.12
CA GLY B 466 6.88 11.59 30.55
C GLY B 466 6.11 12.76 31.11
N GLU B 467 5.27 13.41 30.31
CA GLU B 467 4.45 14.51 30.80
C GLU B 467 3.38 14.01 31.75
N ILE B 468 2.88 12.79 31.53
CA ILE B 468 2.04 12.10 32.50
C ILE B 468 2.96 11.35 33.46
N PRO B 469 2.87 11.58 34.76
CA PRO B 469 3.68 10.80 35.71
C PRO B 469 3.28 9.34 35.70
N LYS B 470 4.22 8.49 36.13
CA LYS B 470 4.09 7.05 35.94
C LYS B 470 2.99 6.47 36.81
N GLU B 471 2.81 7.00 38.01
CA GLU B 471 1.82 6.52 38.96
C GLU B 471 0.47 7.21 38.80
N GLN B 472 0.35 8.15 37.87
CA GLN B 472 -0.90 8.85 37.62
C GLN B 472 -1.33 8.67 36.16
N TRP B 473 -1.24 7.45 35.65
CA TRP B 473 -1.64 7.17 34.28
C TRP B 473 -3.16 7.21 34.13
N MET B 474 -3.85 6.30 34.84
CA MET B 474 -5.27 6.06 34.63
C MET B 474 -6.10 7.28 34.97
N LYS B 475 -5.76 7.94 36.09
CA LYS B 475 -6.42 9.17 36.51
C LYS B 475 -6.27 10.26 35.46
N LYS B 476 -5.18 10.25 34.68
CA LYS B 476 -5.09 11.20 33.59
C LYS B 476 -6.02 10.81 32.44
N TRP B 477 -6.06 9.51 32.09
CA TRP B 477 -6.74 9.07 30.88
C TRP B 477 -8.23 9.32 30.97
N TRP B 478 -8.83 8.94 32.09
CA TRP B 478 -10.25 9.18 32.29
C TRP B 478 -10.57 10.65 32.52
N GLU B 479 -9.57 11.49 32.80
CA GLU B 479 -9.83 12.92 32.68
C GLU B 479 -10.04 13.31 31.22
N MET B 480 -9.14 12.86 30.35
CA MET B 480 -9.16 13.34 28.97
C MET B 480 -10.31 12.73 28.18
N LYS B 481 -10.71 11.49 28.49
CA LYS B 481 -11.93 10.98 27.89
C LYS B 481 -13.15 11.71 28.42
N ARG B 482 -13.09 12.27 29.63
CA ARG B 482 -14.13 13.19 30.04
C ARG B 482 -13.99 14.54 29.37
N GLU B 483 -12.77 14.92 28.98
CA GLU B 483 -12.53 16.25 28.44
C GLU B 483 -12.61 16.29 26.92
N ILE B 484 -11.93 15.37 26.25
CA ILE B 484 -11.83 15.39 24.80
C ILE B 484 -12.98 14.61 24.18
N VAL B 485 -13.07 13.32 24.51
CA VAL B 485 -14.07 12.47 23.89
C VAL B 485 -15.45 12.74 24.46
N GLY B 486 -15.53 13.21 25.69
CA GLY B 486 -16.80 13.37 26.35
C GLY B 486 -17.45 12.06 26.70
N VAL B 487 -16.65 11.10 27.16
CA VAL B 487 -17.12 9.77 27.51
C VAL B 487 -16.59 9.44 28.90
N VAL B 488 -17.49 9.09 29.81
CA VAL B 488 -17.16 8.88 31.22
C VAL B 488 -16.98 7.40 31.47
N GLU B 489 -16.15 7.07 32.46
CA GLU B 489 -16.04 5.69 32.91
C GLU B 489 -17.32 5.30 33.64
N PRO B 490 -17.73 4.04 33.54
CA PRO B 490 -18.90 3.60 34.30
C PRO B 490 -18.57 3.30 35.75
N LEU B 491 -17.38 2.76 35.98
CA LEU B 491 -16.88 2.45 37.30
C LEU B 491 -15.52 3.10 37.48
N PRO B 492 -15.19 3.54 38.69
CA PRO B 492 -13.87 4.14 38.91
C PRO B 492 -12.76 3.11 38.80
N HIS B 493 -11.69 3.50 38.12
CA HIS B 493 -10.53 2.64 37.91
C HIS B 493 -9.32 3.26 38.60
N ASP B 494 -8.58 2.43 39.33
CA ASP B 494 -7.35 2.87 39.96
C ASP B 494 -6.18 2.54 39.02
N GLU B 495 -4.96 2.73 39.49
CA GLU B 495 -3.80 2.67 38.61
C GLU B 495 -3.29 1.24 38.38
N THR B 496 -3.93 0.24 38.99
CA THR B 496 -3.61 -1.13 38.66
C THR B 496 -4.27 -1.59 37.36
N TYR B 497 -5.20 -0.82 36.82
CA TYR B 497 -5.74 -1.05 35.49
C TYR B 497 -4.83 -0.45 34.43
N CYS B 498 -4.90 -1.01 33.22
CA CYS B 498 -4.29 -0.40 32.03
C CYS B 498 -5.35 -0.41 30.94
N ASP B 499 -6.20 0.61 30.96
CA ASP B 499 -7.39 0.68 30.12
C ASP B 499 -7.16 1.00 28.65
N PRO B 500 -6.18 1.84 28.24
CA PRO B 500 -5.83 1.88 26.81
C PRO B 500 -5.41 0.55 26.24
N ALA B 501 -4.62 -0.23 26.98
CA ALA B 501 -3.94 -1.42 26.47
C ALA B 501 -4.88 -2.55 26.08
N SER B 502 -6.16 -2.45 26.42
CA SER B 502 -7.18 -3.35 25.93
C SER B 502 -7.45 -3.19 24.43
N LEU B 503 -6.98 -2.11 23.81
CA LEU B 503 -7.17 -1.90 22.39
C LEU B 503 -6.09 -2.62 21.59
N PHE B 504 -6.44 -3.02 20.36
CA PHE B 504 -5.57 -3.83 19.54
C PHE B 504 -4.31 -3.09 19.12
N HIS B 505 -4.46 -1.81 18.74
CA HIS B 505 -3.34 -1.08 18.15
C HIS B 505 -2.28 -0.70 19.16
N VAL B 506 -2.65 -0.56 20.42
CA VAL B 506 -1.68 -0.14 21.43
C VAL B 506 -1.01 -1.35 22.10
N SER B 507 -1.70 -2.48 22.20
CA SER B 507 -1.07 -3.69 22.71
C SER B 507 -0.20 -4.38 21.68
N ASN B 508 -0.26 -3.96 20.41
CA ASN B 508 0.52 -4.56 19.34
C ASN B 508 1.41 -3.55 18.63
N ASP B 509 1.68 -2.42 19.28
CA ASP B 509 2.68 -1.42 18.87
C ASP B 509 2.37 -0.84 17.49
N TYR B 510 1.24 -0.15 17.39
CA TYR B 510 0.82 0.48 16.15
C TYR B 510 0.56 1.96 16.36
N SER B 511 1.01 2.77 15.40
CA SER B 511 0.69 4.19 15.41
C SER B 511 -0.78 4.39 15.11
N PHE B 512 -1.40 5.35 15.80
CA PHE B 512 -2.83 5.53 15.72
C PHE B 512 -3.26 6.84 15.07
N ILE B 513 -2.35 7.80 14.90
CA ILE B 513 -2.69 9.09 14.32
C ILE B 513 -2.90 9.00 12.81
N ARG B 514 -2.53 7.87 12.20
CA ARG B 514 -2.76 7.65 10.79
C ARG B 514 -4.24 7.63 10.45
N TYR B 515 -5.10 7.23 11.40
CA TYR B 515 -6.54 7.23 11.14
C TYR B 515 -7.10 8.65 11.16
N TYR B 516 -6.58 9.49 12.06
CA TYR B 516 -6.99 10.90 12.10
C TYR B 516 -6.57 11.62 10.82
N THR B 517 -5.31 11.45 10.42
CA THR B 517 -4.83 12.09 9.20
C THR B 517 -5.49 11.48 7.97
N ARG B 518 -5.81 10.18 8.00
CA ARG B 518 -6.61 9.54 6.96
C ARG B 518 -7.94 10.22 6.78
N THR B 519 -8.63 10.48 7.90
CA THR B 519 -9.96 11.08 7.86
C THR B 519 -9.90 12.50 7.31
N ILE B 520 -8.87 13.26 7.65
CA ILE B 520 -8.75 14.62 7.11
C ILE B 520 -8.40 14.58 5.62
N TYR B 521 -7.39 13.80 5.24
CA TYR B 521 -6.92 13.76 3.86
C TYR B 521 -7.96 13.19 2.93
N GLN B 522 -8.83 12.31 3.44
CA GLN B 522 -9.88 11.69 2.65
C GLN B 522 -10.84 12.73 2.09
N PHE B 523 -11.36 13.60 2.95
CA PHE B 523 -12.29 14.62 2.48
C PHE B 523 -11.58 15.75 1.75
N GLN B 524 -10.31 16.02 2.07
CA GLN B 524 -9.54 16.97 1.26
C GLN B 524 -9.38 16.48 -0.17
N PHE B 525 -9.00 15.21 -0.34
CA PHE B 525 -8.85 14.61 -1.65
C PHE B 525 -10.18 14.57 -2.38
N GLN B 526 -11.26 14.27 -1.65
CA GLN B 526 -12.57 14.18 -2.28
C GLN B 526 -13.05 15.54 -2.79
N GLU B 527 -12.87 16.61 -2.00
CA GLU B 527 -13.24 17.92 -2.51
C GLU B 527 -12.37 18.36 -3.68
N ALA B 528 -11.07 18.05 -3.64
CA ALA B 528 -10.21 18.41 -4.76
C ALA B 528 -10.58 17.66 -6.04
N LEU B 529 -10.91 16.38 -5.93
CA LEU B 529 -11.32 15.62 -7.11
C LEU B 529 -12.69 16.04 -7.61
N CYS B 530 -13.58 16.45 -6.72
CA CYS B 530 -14.90 16.88 -7.16
C CYS B 530 -14.88 18.28 -7.77
N GLN B 531 -13.98 19.15 -7.31
CA GLN B 531 -13.75 20.39 -8.04
C GLN B 531 -13.05 20.14 -9.37
N ALA B 532 -12.19 19.12 -9.44
CA ALA B 532 -11.56 18.75 -10.69
C ALA B 532 -12.56 18.16 -11.66
N ALA B 533 -13.50 17.36 -11.18
CA ALA B 533 -14.52 16.76 -12.02
C ALA B 533 -15.68 17.70 -12.32
N LYS B 534 -15.66 18.91 -11.74
CA LYS B 534 -16.66 19.96 -11.93
C LYS B 534 -18.05 19.48 -11.51
N TYR B 535 -18.16 19.04 -10.27
CA TYR B 535 -19.43 18.67 -9.68
C TYR B 535 -20.08 19.89 -9.05
N ASN B 536 -21.38 20.06 -9.28
CA ASN B 536 -22.07 21.28 -8.90
C ASN B 536 -23.05 21.09 -7.75
N GLY B 537 -23.01 19.94 -7.07
CA GLY B 537 -23.91 19.68 -5.97
C GLY B 537 -23.19 19.55 -4.64
N SER B 538 -23.88 18.96 -3.68
CA SER B 538 -23.30 18.70 -2.36
C SER B 538 -22.24 17.62 -2.45
N LEU B 539 -21.27 17.70 -1.54
CA LEU B 539 -20.04 16.90 -1.68
C LEU B 539 -20.28 15.42 -1.43
N HIS B 540 -21.27 15.07 -0.61
CA HIS B 540 -21.49 13.66 -0.33
C HIS B 540 -22.21 12.92 -1.46
N LYS B 541 -22.82 13.65 -2.39
CA LYS B 541 -23.41 13.03 -3.56
C LYS B 541 -22.44 12.92 -4.73
N CYS B 542 -21.19 13.34 -4.55
CA CYS B 542 -20.29 13.53 -5.67
C CYS B 542 -19.69 12.21 -6.14
N ASP B 543 -19.60 12.06 -7.45
CA ASP B 543 -18.99 10.90 -8.09
C ASP B 543 -17.92 11.36 -9.05
N ILE B 544 -16.78 10.68 -9.04
CA ILE B 544 -15.67 11.04 -9.91
C ILE B 544 -15.60 10.13 -11.13
N SER B 545 -16.66 9.38 -11.40
CA SER B 545 -16.70 8.52 -12.57
C SER B 545 -16.81 9.34 -13.84
N ASN B 546 -16.27 8.77 -14.93
CA ASN B 546 -16.24 9.36 -16.28
C ASN B 546 -15.55 10.73 -16.29
N SER B 547 -14.55 10.92 -15.44
CA SER B 547 -13.85 12.19 -15.32
C SER B 547 -12.35 11.93 -15.37
N THR B 548 -11.75 12.11 -16.55
CA THR B 548 -10.34 11.82 -16.71
C THR B 548 -9.45 12.88 -16.08
N GLU B 549 -9.93 14.12 -15.99
CA GLU B 549 -9.10 15.19 -15.44
C GLU B 549 -8.95 15.07 -13.93
N ALA B 550 -9.99 14.59 -13.24
CA ALA B 550 -9.85 14.25 -11.82
C ALA B 550 -8.90 13.08 -11.63
N GLY B 551 -8.93 12.12 -12.55
CA GLY B 551 -8.00 11.01 -12.50
C GLY B 551 -6.56 11.43 -12.70
N GLN B 552 -6.33 12.40 -13.57
CA GLN B 552 -4.96 12.89 -13.77
C GLN B 552 -4.50 13.74 -12.59
N LYS B 553 -5.40 14.54 -12.02
CA LYS B 553 -5.09 15.30 -10.81
C LYS B 553 -4.75 14.39 -9.65
N LEU B 554 -5.43 13.25 -9.57
CA LEU B 554 -5.11 12.23 -8.58
C LEU B 554 -3.78 11.55 -8.89
N LEU B 555 -3.58 11.14 -10.15
CA LEU B 555 -2.44 10.32 -10.54
C LEU B 555 -1.13 11.10 -10.53
N LYS B 556 -1.18 12.43 -10.53
CA LYS B 556 0.04 13.20 -10.25
C LYS B 556 0.58 12.92 -8.85
N MET B 557 -0.31 12.76 -7.88
CA MET B 557 0.11 12.43 -6.52
C MET B 557 0.42 10.96 -6.36
N LEU B 558 -0.41 10.09 -6.95
CA LEU B 558 -0.15 8.65 -6.91
C LEU B 558 1.16 8.25 -7.57
N SER B 559 1.61 8.98 -8.58
CA SER B 559 2.88 8.63 -9.21
C SER B 559 4.08 9.04 -8.38
N LEU B 560 3.89 9.89 -7.36
CA LEU B 560 5.01 10.42 -6.61
C LEU B 560 5.60 9.38 -5.66
N GLY B 561 4.74 8.63 -4.96
CA GLY B 561 5.23 7.83 -3.85
C GLY B 561 5.64 8.76 -2.72
N ASN B 562 6.68 8.38 -1.98
CA ASN B 562 7.33 9.30 -1.06
C ASN B 562 8.62 9.87 -1.64
N SER B 563 8.68 10.05 -2.95
CA SER B 563 9.84 10.68 -3.57
C SER B 563 9.92 12.16 -3.21
N GLU B 564 8.78 12.80 -3.02
CA GLU B 564 8.68 14.18 -2.63
C GLU B 564 8.17 14.28 -1.21
N PRO B 565 8.33 15.43 -0.55
CA PRO B 565 7.66 15.64 0.74
C PRO B 565 6.14 15.56 0.57
N TRP B 566 5.48 15.08 1.62
CA TRP B 566 4.04 14.86 1.57
C TRP B 566 3.26 16.15 1.45
N THR B 567 3.85 17.28 1.87
CA THR B 567 3.21 18.57 1.65
C THR B 567 3.15 18.91 0.17
N LYS B 568 4.16 18.51 -0.61
CA LYS B 568 4.12 18.76 -2.04
C LYS B 568 3.07 17.91 -2.73
N ALA B 569 2.93 16.64 -2.33
CA ALA B 569 1.88 15.79 -2.88
C ALA B 569 0.50 16.27 -2.49
N LEU B 570 0.36 16.76 -1.26
CA LEU B 570 -0.90 17.34 -0.81
C LEU B 570 -1.23 18.61 -1.59
N GLU B 571 -0.22 19.43 -1.92
CA GLU B 571 -0.47 20.60 -2.75
C GLU B 571 -0.80 20.20 -4.17
N ASN B 572 -0.22 19.09 -4.64
CA ASN B 572 -0.53 18.57 -5.97
C ASN B 572 -1.99 18.14 -6.08
N VAL B 573 -2.57 17.64 -4.99
CA VAL B 573 -3.98 17.30 -5.06
C VAL B 573 -4.85 18.52 -4.76
N VAL B 574 -4.74 19.07 -3.55
CA VAL B 574 -5.74 20.02 -3.06
C VAL B 574 -5.30 21.47 -3.16
N GLY B 575 -4.04 21.74 -3.46
CA GLY B 575 -3.58 23.12 -3.47
C GLY B 575 -3.27 23.69 -2.12
N ALA B 576 -3.11 22.86 -1.09
CA ALA B 576 -2.77 23.30 0.24
C ALA B 576 -1.64 22.43 0.78
N ARG B 577 -0.88 22.98 1.73
CA ARG B 577 0.32 22.33 2.23
C ARG B 577 0.16 21.81 3.65
N ASN B 578 -1.07 21.68 4.14
CA ASN B 578 -1.31 21.26 5.50
C ASN B 578 -2.70 20.62 5.58
N MET B 579 -2.99 20.03 6.73
CA MET B 579 -4.29 19.41 6.95
C MET B 579 -5.38 20.47 7.04
N ASP B 580 -6.49 20.23 6.35
CA ASP B 580 -7.62 21.14 6.35
C ASP B 580 -8.89 20.33 6.61
N VAL B 581 -9.70 20.78 7.55
CA VAL B 581 -10.96 20.10 7.86
C VAL B 581 -12.17 20.87 7.36
N LYS B 582 -11.96 21.99 6.68
CA LYS B 582 -13.05 22.60 5.92
C LYS B 582 -13.66 21.67 4.87
N PRO B 583 -12.93 20.82 4.14
CA PRO B 583 -13.62 19.77 3.36
C PRO B 583 -14.42 18.79 4.19
N LEU B 584 -13.95 18.43 5.39
CA LEU B 584 -14.68 17.50 6.23
C LEU B 584 -15.97 18.12 6.73
N LEU B 585 -15.94 19.40 7.10
CA LEU B 585 -17.17 20.07 7.51
C LEU B 585 -18.08 20.35 6.32
N ASN B 586 -17.50 20.51 5.13
CA ASN B 586 -18.32 20.72 3.94
C ASN B 586 -19.02 19.43 3.53
N TYR B 587 -18.40 18.27 3.78
CA TYR B 587 -19.05 16.99 3.54
C TYR B 587 -20.27 16.81 4.44
N PHE B 588 -20.14 17.17 5.72
CA PHE B 588 -21.18 16.92 6.70
C PHE B 588 -22.08 18.12 6.93
N GLN B 589 -22.09 19.07 5.99
CA GLN B 589 -22.88 20.29 6.17
C GLN B 589 -24.40 20.10 6.27
N PRO B 590 -25.08 19.28 5.43
CA PRO B 590 -26.51 19.06 5.69
C PRO B 590 -26.82 18.39 7.00
N LEU B 591 -25.98 17.43 7.41
CA LEU B 591 -26.14 16.80 8.71
C LEU B 591 -25.84 17.76 9.85
N PHE B 592 -24.85 18.64 9.68
CA PHE B 592 -24.55 19.61 10.72
C PHE B 592 -25.67 20.62 10.88
N ASP B 593 -26.29 21.02 9.77
CA ASP B 593 -27.46 21.91 9.85
C ASP B 593 -28.65 21.21 10.50
N TRP B 594 -28.86 19.93 10.18
CA TRP B 594 -29.93 19.17 10.80
C TRP B 594 -29.70 18.97 12.29
N LEU B 595 -28.45 18.72 12.69
CA LEU B 595 -28.14 18.55 14.10
C LEU B 595 -28.23 19.85 14.87
N LYS B 596 -27.90 20.98 14.22
CA LYS B 596 -28.19 22.27 14.84
C LYS B 596 -29.69 22.50 14.97
N GLU B 597 -30.46 22.01 14.00
CA GLU B 597 -31.91 22.24 14.03
C GLU B 597 -32.58 21.39 15.12
N GLN B 598 -32.03 20.21 15.45
CA GLN B 598 -32.61 19.39 16.50
C GLN B 598 -31.79 19.39 17.80
N ASN B 599 -31.00 20.41 18.05
CA ASN B 599 -30.37 20.57 19.35
C ASN B 599 -30.67 21.93 19.95
N ARG B 600 -31.79 22.53 19.56
CA ARG B 600 -32.14 23.86 20.05
C ARG B 600 -32.56 23.83 21.51
N ASN B 601 -33.44 22.89 21.87
CA ASN B 601 -33.90 22.80 23.25
C ASN B 601 -32.86 22.13 24.16
N SER B 602 -32.06 21.22 23.62
CA SER B 602 -31.17 20.41 24.43
C SER B 602 -29.87 21.17 24.72
N PHE B 603 -29.02 20.55 25.53
CA PHE B 603 -27.74 21.13 25.93
C PHE B 603 -26.63 20.47 25.14
N VAL B 604 -25.94 21.26 24.32
CA VAL B 604 -24.81 20.77 23.53
C VAL B 604 -23.55 20.91 24.35
N GLY B 605 -22.83 19.81 24.54
CA GLY B 605 -21.66 19.75 25.38
C GLY B 605 -21.88 18.84 26.57
N TRP B 606 -20.78 18.62 27.29
CA TRP B 606 -20.76 17.71 28.43
C TRP B 606 -20.05 18.34 29.61
N ASN B 607 -20.33 17.81 30.79
CA ASN B 607 -19.76 18.29 32.04
C ASN B 607 -18.78 17.24 32.55
N THR B 608 -17.66 17.70 33.10
CA THR B 608 -16.55 16.79 33.39
C THR B 608 -16.80 15.91 34.61
N GLU B 609 -17.53 16.40 35.62
CA GLU B 609 -17.82 15.57 36.78
C GLU B 609 -18.83 14.48 36.41
N TRP B 610 -18.74 13.37 37.14
CA TRP B 610 -19.48 12.16 36.78
C TRP B 610 -20.96 12.37 37.01
N SER B 611 -21.69 12.53 35.93
CA SER B 611 -23.12 12.60 35.94
C SER B 611 -23.68 11.32 35.36
N PRO B 612 -24.72 10.72 35.98
CA PRO B 612 -25.23 9.41 35.59
C PRO B 612 -25.85 9.38 34.20
#